data_9L08
#
_entry.id   9L08
#
_cell.length_a   113.704
_cell.length_b   104.519
_cell.length_c   73.705
_cell.angle_alpha   90.000
_cell.angle_beta   92.953
_cell.angle_gamma   90.000
#
_symmetry.space_group_name_H-M   'C 1 2 1'
#
loop_
_entity.id
_entity.type
_entity.pdbx_description
1 polymer 'Covalently Connected Cytochrome c555 trimer'
2 non-polymer 'HEME C'
3 non-polymer 'SULFATE ION'
4 non-polymer 'ACETIC ACID'
5 non-polymer GLYCEROL
6 non-polymer DI(HYDROXYETHYL)ETHER
7 water water
#
_entity_poly.entity_id   1
_entity_poly.type   'polypeptide(L)'
_entity_poly.pdbx_seq_one_letter_code
;GGGPAKEAIMKPQLTMLKGLSDAELKALADFILRIAKQAQEKQQQDVAKAIFQQKGCGSCHQANVDTVGPSLAKIAQAYA
GKEDQLIKFLKGELPETGGGPAKEAIMKPQLTMLKGLSDAELKALADFILRIAKQAQEKQQQDVAKAIFQQKGCGSCHQA
NVDTVGPSLAKIAQAYAGKEDQLIKFLKGELPETGGGPAKEAIMKPQLTMLKGLSDAELKALADFILRIAKQAQEKQQQD
VAKAIFQQKGCGSCHQANVDTVGPSLAKIAQAYAGKEDQLIKFLKGELPET
;
_entity_poly.pdbx_strand_id   A,B
#
loop_
_chem_comp.id
_chem_comp.type
_chem_comp.name
_chem_comp.formula
ACY non-polymer 'ACETIC ACID' 'C2 H4 O2'
GOL non-polymer GLYCEROL 'C3 H8 O3'
HEC non-polymer 'HEME C' 'C34 H34 Fe N4 O4'
PEG non-polymer DI(HYDROXYETHYL)ETHER 'C4 H10 O3'
SO4 non-polymer 'SULFATE ION' 'O4 S -2'
#
# COMPACT_ATOMS: atom_id res chain seq x y z
N GLY A 1 -19.55 -0.85 -23.19
CA GLY A 1 -20.78 -1.61 -23.01
C GLY A 1 -22.00 -0.86 -23.50
N GLY A 2 -23.17 -1.27 -23.02
CA GLY A 2 -24.41 -0.62 -23.37
C GLY A 2 -24.92 -1.02 -24.74
N GLY A 3 -26.12 -0.56 -25.06
CA GLY A 3 -26.72 -0.80 -26.34
C GLY A 3 -26.69 0.43 -27.22
N PRO A 4 -27.42 0.38 -28.34
CA PRO A 4 -27.37 1.51 -29.28
C PRO A 4 -28.07 2.76 -28.80
N ALA A 5 -29.12 2.63 -27.99
CA ALA A 5 -29.82 3.82 -27.50
C ALA A 5 -28.91 4.68 -26.62
N LYS A 6 -28.27 4.06 -25.62
CA LYS A 6 -27.34 4.79 -24.77
C LYS A 6 -26.16 5.32 -25.58
N GLU A 7 -25.67 4.54 -26.54
CA GLU A 7 -24.56 4.99 -27.37
C GLU A 7 -24.91 6.30 -28.07
N ALA A 8 -26.15 6.42 -28.54
CA ALA A 8 -26.57 7.59 -29.27
C ALA A 8 -26.79 8.81 -28.38
N ILE A 9 -27.07 8.59 -27.10
CA ILE A 9 -27.15 9.71 -26.16
C ILE A 9 -25.77 10.30 -25.91
N MET A 10 -24.77 9.45 -25.65
CA MET A 10 -23.47 9.96 -25.22
C MET A 10 -22.61 10.40 -26.39
N LYS A 11 -22.79 9.80 -27.57
CA LYS A 11 -21.87 10.10 -28.68
C LYS A 11 -21.78 11.58 -29.02
N PRO A 12 -22.88 12.34 -29.15
CA PRO A 12 -22.74 13.77 -29.46
C PRO A 12 -21.98 14.54 -28.41
N GLN A 13 -22.07 14.13 -27.15
CA GLN A 13 -21.44 14.89 -26.08
C GLN A 13 -19.92 14.87 -26.20
N LEU A 14 -19.34 13.89 -26.90
CA LEU A 14 -17.90 13.91 -27.10
C LEU A 14 -17.44 15.14 -27.87
N THR A 15 -18.34 15.77 -28.64
N THR A 15 -18.31 15.74 -28.70
CA THR A 15 -18.01 17.02 -29.32
CA THR A 15 -17.88 16.89 -29.49
C THR A 15 -17.65 18.12 -28.33
C THR A 15 -17.58 18.11 -28.62
N MET A 16 -18.20 18.06 -27.10
N MET A 16 -18.04 18.12 -27.37
CA MET A 16 -17.84 19.05 -26.09
CA MET A 16 -17.72 19.21 -26.46
C MET A 16 -16.33 19.10 -25.83
C MET A 16 -16.30 19.15 -25.93
N LEU A 17 -15.60 18.04 -26.13
CA LEU A 17 -14.21 17.90 -25.73
C LEU A 17 -13.25 18.22 -26.87
N LYS A 18 -13.76 18.57 -28.05
CA LYS A 18 -12.93 18.97 -29.15
C LYS A 18 -12.04 20.14 -28.75
N GLY A 19 -10.78 20.10 -29.15
CA GLY A 19 -9.88 21.18 -28.86
C GLY A 19 -9.27 21.17 -27.47
N LEU A 20 -9.64 20.24 -26.60
CA LEU A 20 -8.92 20.11 -25.34
C LEU A 20 -7.52 19.56 -25.61
N SER A 21 -6.55 20.07 -24.85
CA SER A 21 -5.19 19.60 -24.99
C SER A 21 -5.05 18.21 -24.38
N ASP A 22 -3.94 17.54 -24.68
CA ASP A 22 -3.66 16.25 -24.07
C ASP A 22 -3.58 16.37 -22.55
N ALA A 23 -3.00 17.46 -22.05
CA ALA A 23 -2.91 17.65 -20.60
C ALA A 23 -4.30 17.81 -19.99
N GLU A 24 -5.18 18.56 -20.64
CA GLU A 24 -6.55 18.72 -20.12
C GLU A 24 -7.29 17.40 -20.14
N LEU A 25 -7.12 16.61 -21.20
CA LEU A 25 -7.80 15.32 -21.30
C LEU A 25 -7.28 14.35 -20.25
N LYS A 26 -5.98 14.39 -19.96
CA LYS A 26 -5.45 13.58 -18.88
C LYS A 26 -6.02 14.01 -17.54
N ALA A 27 -6.08 15.31 -17.28
CA ALA A 27 -6.68 15.80 -16.04
C ALA A 27 -8.13 15.37 -15.93
N LEU A 28 -8.88 15.50 -17.03
CA LEU A 28 -10.29 15.11 -17.01
C LEU A 28 -10.44 13.60 -16.78
N ALA A 29 -9.60 12.79 -17.42
CA ALA A 29 -9.66 11.34 -17.23
C ALA A 29 -9.33 10.96 -15.80
N ASP A 30 -8.28 11.56 -15.22
CA ASP A 30 -7.98 11.35 -13.81
C ASP A 30 -9.18 11.66 -12.94
N PHE A 31 -9.83 12.78 -13.20
CA PHE A 31 -10.99 13.20 -12.41
C PHE A 31 -12.12 12.19 -12.51
N ILE A 32 -12.43 11.74 -13.73
CA ILE A 32 -13.49 10.76 -13.91
C ILE A 32 -13.18 9.47 -13.17
N LEU A 33 -11.90 9.08 -13.13
CA LEU A 33 -11.54 7.81 -12.49
C LEU A 33 -11.56 7.88 -10.96
N ARG A 34 -11.36 9.04 -10.35
N ARG A 34 -11.40 9.07 -10.39
CA ARG A 34 -11.24 9.03 -8.90
CA ARG A 34 -11.11 9.18 -8.97
C ARG A 34 -12.22 9.91 -8.15
C ARG A 34 -12.11 10.01 -8.17
N ILE A 35 -12.97 10.79 -8.83
CA ILE A 35 -13.79 11.74 -8.07
C ILE A 35 -14.91 11.03 -7.30
N ALA A 36 -15.47 9.94 -7.82
CA ALA A 36 -16.60 9.32 -7.15
C ALA A 36 -16.20 8.76 -5.79
N LYS A 37 -15.02 8.12 -5.72
CA LYS A 37 -14.54 7.61 -4.45
C LYS A 37 -14.23 8.74 -3.48
N GLN A 38 -13.61 9.81 -3.96
CA GLN A 38 -13.29 10.96 -3.12
C GLN A 38 -14.56 11.61 -2.60
N ALA A 39 -15.60 11.71 -3.45
CA ALA A 39 -16.86 12.30 -3.02
C ALA A 39 -17.57 11.41 -2.01
N GLN A 40 -17.53 10.10 -2.22
CA GLN A 40 -18.17 9.18 -1.28
C GLN A 40 -17.49 9.20 0.07
N GLU A 41 -16.15 9.25 0.07
CA GLU A 41 -15.42 9.29 1.32
C GLU A 41 -15.69 10.56 2.11
N LYS A 42 -15.81 11.70 1.40
CA LYS A 42 -16.10 12.96 2.07
C LYS A 42 -17.50 12.95 2.65
N GLN A 43 -18.47 12.43 1.91
CA GLN A 43 -19.84 12.36 2.42
C GLN A 43 -19.92 11.49 3.66
N GLN A 44 -19.23 10.35 3.66
CA GLN A 44 -19.28 9.47 4.83
C GLN A 44 -18.53 10.09 6.01
N GLN A 45 -17.39 10.74 5.75
CA GLN A 45 -16.67 11.40 6.83
C GLN A 45 -17.52 12.50 7.46
N ASP A 46 -18.28 13.22 6.64
CA ASP A 46 -19.13 14.28 7.17
C ASP A 46 -20.24 13.70 8.05
N VAL A 47 -20.84 12.59 7.61
CA VAL A 47 -21.86 11.92 8.41
C VAL A 47 -21.28 11.48 9.76
N ALA A 48 -20.09 10.88 9.71
CA ALA A 48 -19.47 10.40 10.94
C ALA A 48 -19.12 11.55 11.87
N LYS A 49 -18.51 12.61 11.32
CA LYS A 49 -18.17 13.77 12.14
C LYS A 49 -19.40 14.35 12.82
N ALA A 50 -20.52 14.43 12.10
CA ALA A 50 -21.74 14.99 12.66
C ALA A 50 -22.28 14.12 13.80
N ILE A 51 -22.21 12.80 13.65
CA ILE A 51 -22.61 11.90 14.73
C ILE A 51 -21.69 12.08 15.93
N PHE A 52 -20.38 12.04 15.69
CA PHE A 52 -19.41 12.19 16.77
C PHE A 52 -19.63 13.47 17.56
N GLN A 53 -19.92 14.58 16.86
N GLN A 53 -19.90 14.58 16.86
CA GLN A 53 -20.15 15.84 17.54
CA GLN A 53 -20.15 15.84 17.53
C GLN A 53 -21.50 15.86 18.24
C GLN A 53 -21.49 15.82 18.25
N GLN A 54 -22.55 15.38 17.56
CA GLN A 54 -23.90 15.42 18.14
C GLN A 54 -23.99 14.58 19.40
N LYS A 55 -23.31 13.44 19.44
CA LYS A 55 -23.41 12.56 20.59
C LYS A 55 -22.45 12.93 21.71
N GLY A 56 -21.55 13.89 21.49
CA GLY A 56 -20.68 14.36 22.55
C GLY A 56 -19.41 13.56 22.78
N CYS A 57 -19.04 12.69 21.84
CA CYS A 57 -17.89 11.79 22.03
C CYS A 57 -16.59 12.55 22.26
N GLY A 58 -16.44 13.74 21.65
CA GLY A 58 -15.21 14.50 21.77
C GLY A 58 -14.94 15.01 23.17
N SER A 59 -15.95 14.99 24.04
CA SER A 59 -15.76 15.39 25.43
C SER A 59 -14.63 14.60 26.09
N CYS A 60 -14.47 13.33 25.70
CA CYS A 60 -13.48 12.45 26.30
C CYS A 60 -12.52 11.86 25.29
N HIS A 61 -12.69 12.15 24.01
CA HIS A 61 -11.89 11.53 22.95
C HIS A 61 -11.36 12.63 22.02
N GLN A 62 -10.17 13.11 22.32
CA GLN A 62 -9.44 13.97 21.40
C GLN A 62 -8.65 13.12 20.42
N ALA A 63 -8.25 13.73 19.30
CA ALA A 63 -7.65 12.95 18.23
C ALA A 63 -6.33 12.32 18.64
N ASN A 64 -5.43 13.12 19.24
CA ASN A 64 -4.06 12.68 19.47
C ASN A 64 -3.55 12.98 20.88
N VAL A 65 -4.44 13.13 21.85
CA VAL A 65 -4.04 13.30 23.24
C VAL A 65 -5.07 12.60 24.13
N ASP A 66 -4.58 11.98 25.20
CA ASP A 66 -5.46 11.31 26.16
C ASP A 66 -6.10 12.33 27.08
N THR A 67 -7.38 12.12 27.40
CA THR A 67 -8.08 12.95 28.38
C THR A 67 -8.79 12.02 29.36
N VAL A 68 -10.08 12.23 29.60
CA VAL A 68 -10.83 11.24 30.38
C VAL A 68 -10.82 9.89 29.68
N GLY A 69 -10.90 9.90 28.35
CA GLY A 69 -10.79 8.70 27.57
C GLY A 69 -9.54 8.68 26.71
N PRO A 70 -9.24 7.53 26.12
CA PRO A 70 -8.07 7.43 25.24
C PRO A 70 -8.22 8.30 23.99
N SER A 71 -7.09 8.70 23.43
CA SER A 71 -7.13 9.38 22.16
C SER A 71 -7.67 8.47 21.06
N LEU A 72 -8.18 9.09 20.00
CA LEU A 72 -8.61 8.33 18.84
C LEU A 72 -7.44 7.60 18.19
N ALA A 73 -6.23 8.15 18.29
CA ALA A 73 -5.06 7.43 17.82
C ALA A 73 -4.87 6.13 18.58
N LYS A 74 -5.07 6.14 19.90
CA LYS A 74 -4.92 4.92 20.68
C LYS A 74 -6.03 3.92 20.39
N ILE A 75 -7.26 4.40 20.23
CA ILE A 75 -8.37 3.51 19.85
C ILE A 75 -8.07 2.90 18.48
N ALA A 76 -7.58 3.71 17.53
CA ALA A 76 -7.26 3.18 16.20
C ALA A 76 -6.21 2.08 16.29
N GLN A 77 -5.23 2.26 17.18
N GLN A 77 -5.22 2.22 17.18
CA GLN A 77 -4.21 1.22 17.38
CA GLN A 77 -4.23 1.17 17.31
C GLN A 77 -4.82 -0.06 17.94
C GLN A 77 -4.84 -0.08 17.92
N ALA A 78 -5.74 0.07 18.90
CA ALA A 78 -6.35 -1.10 19.52
C ALA A 78 -7.19 -1.89 18.54
N TYR A 79 -7.77 -1.23 17.53
CA TYR A 79 -8.65 -1.88 16.57
C TYR A 79 -8.02 -2.02 15.19
N ALA A 80 -6.70 -1.87 15.09
CA ALA A 80 -6.02 -2.00 13.80
C ALA A 80 -6.33 -3.35 13.17
N GLY A 81 -6.85 -3.31 11.95
CA GLY A 81 -7.21 -4.51 11.23
C GLY A 81 -8.41 -5.25 11.78
N LYS A 82 -9.14 -4.64 12.70
CA LYS A 82 -10.28 -5.26 13.36
C LYS A 82 -11.49 -4.35 13.33
N GLU A 83 -11.76 -3.74 12.17
CA GLU A 83 -12.86 -2.80 12.08
C GLU A 83 -14.19 -3.47 12.39
N ASP A 84 -14.37 -4.71 11.91
N ASP A 84 -14.39 -4.71 11.96
CA ASP A 84 -15.58 -5.48 12.22
CA ASP A 84 -15.68 -5.33 12.25
C ASP A 84 -15.84 -5.49 13.72
C ASP A 84 -15.88 -5.51 13.76
N GLN A 85 -14.79 -5.69 14.52
CA GLN A 85 -14.95 -5.74 15.97
C GLN A 85 -15.22 -4.37 16.56
N LEU A 86 -14.66 -3.31 15.99
CA LEU A 86 -15.01 -1.96 16.43
C LEU A 86 -16.50 -1.71 16.24
N ILE A 87 -17.06 -2.11 15.10
CA ILE A 87 -18.48 -1.93 14.89
C ILE A 87 -19.28 -2.74 15.92
N LYS A 88 -18.86 -3.98 16.17
CA LYS A 88 -19.58 -4.77 17.17
C LYS A 88 -19.49 -4.14 18.56
N PHE A 89 -18.32 -3.58 18.90
CA PHE A 89 -18.18 -2.87 20.17
C PHE A 89 -19.15 -1.70 20.26
N LEU A 90 -19.25 -0.91 19.18
CA LEU A 90 -20.13 0.25 19.21
C LEU A 90 -21.59 -0.13 19.34
N LYS A 91 -21.96 -1.35 18.91
CA LYS A 91 -23.30 -1.89 19.09
C LYS A 91 -23.52 -2.50 20.47
N GLY A 92 -22.52 -2.51 21.33
CA GLY A 92 -22.66 -3.15 22.63
C GLY A 92 -22.50 -4.66 22.63
N GLU A 93 -21.85 -5.22 21.61
CA GLU A 93 -21.80 -6.68 21.41
C GLU A 93 -20.45 -7.29 21.72
N LEU A 94 -19.46 -6.50 22.10
CA LEU A 94 -18.13 -7.00 22.41
C LEU A 94 -17.59 -6.23 23.61
N PRO A 95 -16.78 -6.86 24.44
CA PRO A 95 -16.18 -6.15 25.58
C PRO A 95 -15.08 -5.21 25.12
N GLU A 96 -14.71 -4.32 26.03
CA GLU A 96 -13.56 -3.44 25.84
C GLU A 96 -12.31 -4.26 25.54
N THR A 97 -11.43 -3.70 24.71
CA THR A 97 -10.19 -4.40 24.38
C THR A 97 -9.24 -4.48 25.56
N GLY A 98 -9.35 -3.57 26.51
CA GLY A 98 -8.44 -3.55 27.65
C GLY A 98 -9.02 -2.71 28.76
N GLY A 99 -8.12 -2.19 29.59
CA GLY A 99 -8.54 -1.35 30.70
C GLY A 99 -9.12 -2.16 31.86
N GLY A 100 -9.46 -1.45 32.92
CA GLY A 100 -10.03 -2.05 34.09
C GLY A 100 -11.50 -1.70 34.23
N PRO A 101 -12.08 -2.04 35.38
CA PRO A 101 -13.53 -1.83 35.54
C PRO A 101 -13.92 -0.37 35.68
N ALA A 102 -13.04 0.48 36.23
CA ALA A 102 -13.38 1.89 36.38
C ALA A 102 -13.56 2.56 35.03
N LYS A 103 -12.59 2.40 34.12
CA LYS A 103 -12.73 2.96 32.79
C LYS A 103 -13.92 2.33 32.06
N GLU A 104 -14.15 1.03 32.29
CA GLU A 104 -15.26 0.36 31.61
C GLU A 104 -16.58 1.00 31.99
N ALA A 105 -16.72 1.40 33.26
CA ALA A 105 -17.97 1.97 33.73
C ALA A 105 -18.17 3.39 33.23
N ILE A 106 -17.07 4.10 32.93
CA ILE A 106 -17.21 5.42 32.29
C ILE A 106 -17.78 5.28 30.89
N MET A 107 -17.22 4.38 30.09
CA MET A 107 -17.56 4.34 28.67
C MET A 107 -18.85 3.58 28.39
N LYS A 108 -19.18 2.57 29.21
N LYS A 108 -19.17 2.56 29.21
CA LYS A 108 -20.32 1.71 28.91
CA LYS A 108 -20.32 1.70 28.92
C LYS A 108 -21.62 2.46 28.67
C LYS A 108 -21.63 2.46 28.69
N PRO A 109 -22.04 3.41 29.53
CA PRO A 109 -23.32 4.09 29.25
C PRO A 109 -23.29 4.92 27.98
N GLN A 110 -22.12 5.41 27.58
CA GLN A 110 -22.04 6.21 26.36
C GLN A 110 -22.41 5.40 25.11
N LEU A 111 -22.33 4.07 25.17
CA LEU A 111 -22.76 3.30 24.01
C LEU A 111 -24.25 3.47 23.74
N THR A 112 -25.05 3.82 24.74
N THR A 112 -25.03 3.84 24.76
CA THR A 112 -26.46 4.03 24.43
CA THR A 112 -26.45 4.14 24.58
C THR A 112 -26.70 5.30 23.62
C THR A 112 -26.65 5.21 23.52
N MET A 113 -25.68 6.13 23.43
N MET A 113 -25.73 6.18 23.43
CA MET A 113 -25.77 7.24 22.47
CA MET A 113 -25.87 7.25 22.46
C MET A 113 -26.02 6.71 21.07
C MET A 113 -25.94 6.76 21.02
N LEU A 114 -25.52 5.53 20.76
CA LEU A 114 -25.45 5.00 19.41
C LEU A 114 -26.59 4.04 19.08
N LYS A 115 -27.51 3.80 20.00
CA LYS A 115 -28.64 2.94 19.68
C LYS A 115 -29.48 3.61 18.60
N GLY A 116 -29.97 2.83 17.65
CA GLY A 116 -30.76 3.39 16.59
C GLY A 116 -29.99 3.94 15.41
N LEU A 117 -28.66 3.99 15.48
CA LEU A 117 -27.89 4.27 14.27
C LEU A 117 -27.97 3.08 13.33
N SER A 118 -28.02 3.38 12.04
CA SER A 118 -28.05 2.33 11.02
C SER A 118 -26.67 1.69 10.89
N ASP A 119 -26.63 0.56 10.19
CA ASP A 119 -25.35 -0.10 9.95
C ASP A 119 -24.43 0.79 9.12
N ALA A 120 -24.98 1.52 8.14
CA ALA A 120 -24.17 2.43 7.34
C ALA A 120 -23.60 3.56 8.18
N GLU A 121 -24.39 4.07 9.13
CA GLU A 121 -23.89 5.12 10.02
C GLU A 121 -22.79 4.58 10.94
N LEU A 122 -23.00 3.39 11.50
CA LEU A 122 -21.99 2.79 12.35
C LEU A 122 -20.70 2.52 11.58
N LYS A 123 -20.82 2.06 10.33
CA LYS A 123 -19.66 1.86 9.48
C LYS A 123 -18.91 3.15 9.25
N ALA A 124 -19.64 4.24 8.92
CA ALA A 124 -18.98 5.53 8.74
C ALA A 124 -18.30 6.00 10.02
N LEU A 125 -18.96 5.80 11.16
CA LEU A 125 -18.38 6.23 12.43
C LEU A 125 -17.15 5.42 12.78
N ALA A 126 -17.18 4.11 12.52
CA ALA A 126 -16.01 3.27 12.78
C ALA A 126 -14.84 3.67 11.87
N ASP A 127 -15.12 3.89 10.57
CA ASP A 127 -14.10 4.43 9.66
C ASP A 127 -13.47 5.69 10.21
N PHE A 128 -14.30 6.60 10.71
CA PHE A 128 -13.83 7.88 11.23
C PHE A 128 -12.94 7.68 12.45
N ILE A 129 -13.35 6.82 13.36
CA ILE A 129 -12.56 6.55 14.56
C ILE A 129 -11.20 5.97 14.20
N LEU A 130 -11.16 5.11 13.17
CA LEU A 130 -9.90 4.47 12.79
C LEU A 130 -8.95 5.42 12.05
N ARG A 131 -9.47 6.44 11.39
CA ARG A 131 -8.66 7.20 10.45
C ARG A 131 -8.47 8.66 10.81
N ILE A 132 -9.30 9.24 11.67
CA ILE A 132 -9.29 10.70 11.80
C ILE A 132 -8.04 11.18 12.53
N ALA A 133 -7.49 10.38 13.46
CA ALA A 133 -6.36 10.88 14.23
C ALA A 133 -5.14 11.10 13.35
N LYS A 134 -4.86 10.14 12.46
CA LYS A 134 -3.71 10.30 11.56
C LYS A 134 -3.95 11.45 10.58
N GLN A 135 -5.18 11.60 10.09
CA GLN A 135 -5.49 12.71 9.20
C GLN A 135 -5.29 14.04 9.91
N ALA A 136 -5.76 14.15 11.15
CA ALA A 136 -5.60 15.38 11.91
C ALA A 136 -4.12 15.66 12.18
N GLN A 137 -3.36 14.62 12.49
CA GLN A 137 -1.95 14.82 12.80
C GLN A 137 -1.18 15.26 11.57
N GLU A 138 -1.47 14.64 10.41
CA GLU A 138 -0.78 15.03 9.19
C GLU A 138 -1.10 16.48 8.80
N LYS A 139 -2.35 16.90 8.98
CA LYS A 139 -2.71 18.29 8.68
C LYS A 139 -2.02 19.26 9.65
N GLN A 140 -1.93 18.88 10.93
CA GLN A 140 -1.23 19.73 11.88
C GLN A 140 0.25 19.89 11.53
N GLN A 141 0.91 18.77 11.18
CA GLN A 141 2.32 18.84 10.81
C GLN A 141 2.52 19.63 9.52
N GLN A 142 1.63 19.44 8.53
CA GLN A 142 1.78 20.19 7.28
C GLN A 142 1.62 21.68 7.53
N ASP A 143 0.67 22.05 8.39
CA ASP A 143 0.49 23.47 8.71
C ASP A 143 1.74 24.05 9.37
N VAL A 144 2.34 23.29 10.31
CA VAL A 144 3.58 23.76 10.94
C VAL A 144 4.66 23.96 9.89
N ALA A 145 4.80 23.00 8.97
CA ALA A 145 5.85 23.09 7.96
C ALA A 145 5.60 24.25 7.00
N LYS A 146 4.35 24.41 6.56
CA LYS A 146 4.03 25.52 5.67
C LYS A 146 4.37 26.85 6.32
N ALA A 147 4.06 26.99 7.61
CA ALA A 147 4.34 28.24 8.32
C ALA A 147 5.83 28.52 8.41
N ILE A 148 6.64 27.48 8.65
CA ILE A 148 8.09 27.65 8.66
C ILE A 148 8.58 28.03 7.27
N PHE A 149 8.11 27.30 6.25
CA PHE A 149 8.55 27.55 4.88
C PHE A 149 8.28 28.99 4.48
N GLN A 150 7.11 29.52 4.86
N GLN A 150 7.11 29.52 4.86
CA GLN A 150 6.76 30.90 4.51
CA GLN A 150 6.78 30.91 4.50
C GLN A 150 7.56 31.89 5.35
C GLN A 150 7.54 31.91 5.35
N GLN A 151 7.62 31.67 6.67
CA GLN A 151 8.29 32.62 7.55
C GLN A 151 9.77 32.76 7.23
N LYS A 152 10.42 31.68 6.82
CA LYS A 152 11.84 31.71 6.52
C LYS A 152 12.14 32.17 5.09
N GLY A 153 11.12 32.34 4.26
CA GLY A 153 11.31 32.89 2.93
C GLY A 153 11.76 31.93 1.85
N CYS A 154 11.66 30.62 2.12
CA CYS A 154 12.15 29.60 1.19
C CYS A 154 11.47 29.68 -0.18
N GLY A 155 10.20 30.11 -0.21
CA GLY A 155 9.45 30.10 -1.45
C GLY A 155 9.97 31.06 -2.50
N SER A 156 10.79 32.04 -2.09
N SER A 156 10.78 32.04 -2.09
CA SER A 156 11.32 33.01 -3.04
CA SER A 156 11.34 33.00 -3.04
C SER A 156 12.21 32.35 -4.09
C SER A 156 12.12 32.30 -4.13
N CYS A 157 12.77 31.18 -3.80
CA CYS A 157 13.61 30.46 -4.73
C CYS A 157 13.15 29.04 -4.99
N HIS A 158 12.07 28.59 -4.35
CA HIS A 158 11.61 27.21 -4.43
C HIS A 158 10.10 27.24 -4.62
N GLN A 159 9.67 27.28 -5.89
CA GLN A 159 8.29 27.03 -6.22
C GLN A 159 8.02 25.52 -6.26
N ALA A 160 6.74 25.16 -6.20
CA ALA A 160 6.40 23.75 -6.08
C ALA A 160 6.83 22.98 -7.33
N ASN A 161 6.50 23.49 -8.52
CA ASN A 161 6.67 22.70 -9.73
C ASN A 161 7.30 23.48 -10.87
N VAL A 162 8.03 24.57 -10.57
CA VAL A 162 8.80 25.28 -11.57
C VAL A 162 10.13 25.69 -10.98
N ASP A 163 11.17 25.69 -11.81
CA ASP A 163 12.49 26.12 -11.40
C ASP A 163 12.59 27.63 -11.48
N THR A 164 13.24 28.23 -10.48
CA THR A 164 13.52 29.66 -10.47
C THR A 164 14.99 29.86 -10.17
N VAL A 165 15.33 30.71 -9.20
CA VAL A 165 16.72 30.79 -8.77
C VAL A 165 17.17 29.44 -8.21
N GLY A 166 16.26 28.75 -7.53
CA GLY A 166 16.54 27.43 -7.02
C GLY A 166 15.67 26.39 -7.67
N PRO A 167 15.99 25.11 -7.44
CA PRO A 167 15.20 24.03 -8.02
C PRO A 167 13.78 23.98 -7.45
N SER A 168 12.87 23.42 -8.24
CA SER A 168 11.52 23.24 -7.74
C SER A 168 11.50 22.22 -6.61
N LEU A 169 10.45 22.27 -5.80
CA LEU A 169 10.30 21.29 -4.73
C LEU A 169 10.09 19.90 -5.31
N ALA A 170 9.51 19.81 -6.51
CA ALA A 170 9.43 18.53 -7.20
C ALA A 170 10.81 17.98 -7.50
N LYS A 171 11.74 18.83 -7.97
CA LYS A 171 13.10 18.36 -8.25
C LYS A 171 13.82 17.98 -6.96
N ILE A 172 13.62 18.73 -5.88
CA ILE A 172 14.24 18.38 -4.61
C ILE A 172 13.71 17.04 -4.12
N ALA A 173 12.39 16.83 -4.20
CA ALA A 173 11.82 15.57 -3.77
C ALA A 173 12.39 14.41 -4.57
N GLN A 174 12.62 14.62 -5.87
CA GLN A 174 13.26 13.60 -6.69
C GLN A 174 14.66 13.29 -6.20
N ALA A 175 15.43 14.33 -5.86
CA ALA A 175 16.81 14.12 -5.42
C ALA A 175 16.88 13.39 -4.09
N TYR A 176 15.86 13.54 -3.24
CA TYR A 176 15.87 12.95 -1.91
C TYR A 176 14.89 11.79 -1.78
N ALA A 177 14.47 11.21 -2.90
CA ALA A 177 13.49 10.14 -2.87
C ALA A 177 14.01 8.97 -2.05
N GLY A 178 13.23 8.57 -1.05
CA GLY A 178 13.63 7.49 -0.16
C GLY A 178 14.84 7.79 0.71
N LYS A 179 15.27 9.05 0.78
CA LYS A 179 16.42 9.47 1.56
C LYS A 179 16.05 10.64 2.46
N GLU A 180 14.91 10.52 3.17
CA GLU A 180 14.44 11.62 4.00
C GLU A 180 15.38 11.89 5.17
N ASP A 181 16.00 10.85 5.72
CA ASP A 181 17.01 11.04 6.75
C ASP A 181 18.13 11.95 6.26
N GLN A 182 18.52 11.81 4.98
CA GLN A 182 19.57 12.65 4.44
C GLN A 182 19.07 14.08 4.23
N LEU A 183 17.81 14.25 3.84
CA LEU A 183 17.28 15.60 3.70
C LEU A 183 17.29 16.34 5.03
N ILE A 184 16.90 15.65 6.11
CA ILE A 184 16.92 16.27 7.42
C ILE A 184 18.35 16.66 7.81
N LYS A 185 19.31 15.77 7.53
CA LYS A 185 20.71 16.09 7.82
C LYS A 185 21.21 17.28 6.98
N PHE A 186 20.79 17.35 5.71
CA PHE A 186 21.15 18.51 4.90
C PHE A 186 20.59 19.80 5.48
N LEU A 187 19.32 19.77 5.93
CA LEU A 187 18.71 20.97 6.48
C LEU A 187 19.39 21.42 7.77
N LYS A 188 20.02 20.47 8.49
CA LYS A 188 20.82 20.76 9.68
C LYS A 188 22.23 21.22 9.36
N GLY A 189 22.59 21.29 8.09
CA GLY A 189 23.94 21.70 7.72
C GLY A 189 24.97 20.61 7.80
N GLU A 190 24.56 19.34 7.82
CA GLU A 190 25.46 18.22 8.11
C GLU A 190 25.81 17.39 6.89
N LEU A 191 25.32 17.73 5.71
CA LEU A 191 25.59 16.97 4.51
C LEU A 191 25.75 17.93 3.35
N PRO A 192 26.62 17.61 2.39
CA PRO A 192 26.74 18.46 1.20
C PRO A 192 25.54 18.34 0.28
N GLU A 193 25.43 19.31 -0.62
CA GLU A 193 24.42 19.30 -1.67
C GLU A 193 24.50 18.01 -2.48
N THR A 194 23.34 17.58 -3.00
CA THR A 194 23.33 16.34 -3.77
C THR A 194 23.98 16.51 -5.13
N GLY A 195 24.02 17.71 -5.66
CA GLY A 195 24.63 17.95 -6.95
C GLY A 195 24.91 19.43 -7.12
N GLY A 196 24.85 19.89 -8.36
CA GLY A 196 25.10 21.29 -8.66
C GLY A 196 26.57 21.67 -8.59
N GLY A 197 26.83 22.93 -8.88
CA GLY A 197 28.17 23.47 -8.84
C GLY A 197 28.41 24.39 -7.66
N PRO A 198 29.57 25.05 -7.64
CA PRO A 198 29.87 25.94 -6.50
C PRO A 198 29.02 27.20 -6.47
N ALA A 199 28.61 27.75 -7.62
CA ALA A 199 27.80 28.97 -7.61
C ALA A 199 26.45 28.72 -6.95
N LYS A 200 25.75 27.65 -7.36
CA LYS A 200 24.47 27.34 -6.73
C LYS A 200 24.67 27.00 -5.26
N GLU A 201 25.76 26.30 -4.94
CA GLU A 201 26.03 25.94 -3.54
C GLU A 201 26.14 27.17 -2.67
N ALA A 202 26.79 28.22 -3.19
CA ALA A 202 26.99 29.43 -2.42
C ALA A 202 25.69 30.22 -2.22
N ILE A 203 24.75 30.12 -3.16
CA ILE A 203 23.45 30.75 -2.98
C ILE A 203 22.69 30.10 -1.84
N MET A 204 22.64 28.77 -1.83
CA MET A 204 21.78 28.09 -0.85
C MET A 204 22.42 27.98 0.53
N LYS A 205 23.75 27.92 0.62
N LYS A 205 23.75 27.89 0.61
CA LYS A 205 24.38 27.62 1.91
CA LYS A 205 24.41 27.64 1.89
C LYS A 205 23.98 28.59 3.02
C LYS A 205 23.98 28.60 3.00
N PRO A 206 24.00 29.92 2.83
CA PRO A 206 23.59 30.80 3.94
C PRO A 206 22.13 30.64 4.33
N GLN A 207 21.28 30.19 3.41
CA GLN A 207 19.88 30.03 3.78
C GLN A 207 19.68 28.92 4.81
N LEU A 208 20.63 27.98 4.93
CA LEU A 208 20.49 26.99 5.98
C LEU A 208 20.51 27.63 7.37
N THR A 209 21.11 28.80 7.54
N THR A 209 21.13 28.81 7.52
CA THR A 209 21.10 29.42 8.86
CA THR A 209 21.12 29.52 8.79
C THR A 209 19.71 29.91 9.26
C THR A 209 19.70 29.75 9.30
N MET A 210 18.75 29.95 8.32
N MET A 210 18.75 29.96 8.38
CA MET A 210 17.36 30.19 8.68
CA MET A 210 17.37 30.24 8.75
C MET A 210 16.84 29.13 9.64
C MET A 210 16.72 29.10 9.52
N LEU A 211 17.31 27.90 9.50
CA LEU A 211 16.73 26.74 10.15
C LEU A 211 17.41 26.39 11.47
N LYS A 212 18.45 27.11 11.85
CA LYS A 212 19.07 26.82 13.13
C LYS A 212 18.07 27.12 14.23
N GLY A 213 18.06 26.28 15.26
CA GLY A 213 17.11 26.43 16.33
C GLY A 213 15.76 25.78 16.12
N LEU A 214 15.50 25.21 14.94
CA LEU A 214 14.30 24.40 14.78
C LEU A 214 14.47 23.09 15.53
N SER A 215 13.38 22.62 16.13
CA SER A 215 13.38 21.35 16.81
C SER A 215 13.43 20.21 15.80
N ASP A 216 13.79 19.02 16.30
CA ASP A 216 13.79 17.83 15.44
C ASP A 216 12.40 17.57 14.85
N ALA A 217 11.35 17.80 15.64
CA ALA A 217 9.99 17.60 15.13
C ALA A 217 9.66 18.60 14.04
N GLU A 218 10.12 19.84 14.19
CA GLU A 218 9.88 20.85 13.16
C GLU A 218 10.64 20.52 11.88
N LEU A 219 11.89 20.07 12.01
CA LEU A 219 12.65 19.71 10.83
C LEU A 219 12.04 18.50 10.12
N LYS A 220 11.52 17.54 10.89
CA LYS A 220 10.85 16.40 10.29
C LYS A 220 9.61 16.84 9.51
N ALA A 221 8.80 17.72 10.10
CA ALA A 221 7.63 18.23 9.38
C ALA A 221 8.03 18.98 8.13
N LEU A 222 9.08 19.82 8.23
CA LEU A 222 9.54 20.58 7.07
C LEU A 222 10.06 19.65 5.98
N ALA A 223 10.80 18.61 6.36
CA ALA A 223 11.30 17.64 5.38
C ALA A 223 10.15 16.90 4.70
N ASP A 224 9.16 16.45 5.48
CA ASP A 224 7.96 15.84 4.91
C ASP A 224 7.32 16.76 3.90
N PHE A 225 7.19 18.05 4.26
CA PHE A 225 6.56 19.03 3.38
C PHE A 225 7.34 19.16 2.08
N ILE A 226 8.67 19.28 2.18
CA ILE A 226 9.49 19.42 0.98
C ILE A 226 9.34 18.22 0.07
N LEU A 227 9.25 17.02 0.65
CA LEU A 227 9.15 15.80 -0.15
C LEU A 227 7.77 15.60 -0.78
N ARG A 228 6.71 16.19 -0.22
CA ARG A 228 5.37 15.81 -0.62
C ARG A 228 4.53 16.93 -1.22
N ILE A 229 4.89 18.19 -1.00
CA ILE A 229 3.96 19.26 -1.32
C ILE A 229 3.84 19.46 -2.83
N ALA A 230 4.91 19.22 -3.60
CA ALA A 230 4.84 19.49 -5.04
C ALA A 230 3.78 18.63 -5.71
N LYS A 231 3.77 17.33 -5.40
CA LYS A 231 2.79 16.44 -6.00
C LYS A 231 1.38 16.77 -5.52
N GLN A 232 1.25 17.14 -4.24
CA GLN A 232 -0.05 17.55 -3.72
C GLN A 232 -0.55 18.80 -4.44
N ALA A 233 0.33 19.79 -4.64
CA ALA A 233 -0.05 21.01 -5.34
C ALA A 233 -0.41 20.72 -6.79
N GLN A 234 0.36 19.85 -7.45
CA GLN A 234 0.09 19.53 -8.85
C GLN A 234 -1.22 18.78 -8.99
N GLU A 235 -1.49 17.82 -8.10
CA GLU A 235 -2.75 17.09 -8.17
C GLU A 235 -3.94 18.01 -7.93
N LYS A 236 -3.83 18.93 -6.97
CA LYS A 236 -4.91 19.88 -6.74
C LYS A 236 -5.15 20.75 -7.98
N GLN A 237 -4.07 21.24 -8.59
CA GLN A 237 -4.23 22.10 -9.77
C GLN A 237 -4.88 21.34 -10.92
N GLN A 238 -4.44 20.10 -11.16
CA GLN A 238 -5.04 19.32 -12.23
C GLN A 238 -6.51 19.00 -11.94
N GLN A 239 -6.84 18.69 -10.68
CA GLN A 239 -8.24 18.38 -10.37
C GLN A 239 -9.13 19.61 -10.53
N ASP A 240 -8.61 20.79 -10.20
CA ASP A 240 -9.35 22.03 -10.43
C ASP A 240 -9.61 22.25 -11.91
N VAL A 241 -8.58 22.05 -12.74
CA VAL A 241 -8.77 22.16 -14.19
C VAL A 241 -9.85 21.21 -14.67
N ALA A 242 -9.80 19.96 -14.19
CA ALA A 242 -10.75 18.95 -14.66
C ALA A 242 -12.16 19.28 -14.21
N LYS A 243 -12.32 19.66 -12.93
CA LYS A 243 -13.63 20.04 -12.43
C LYS A 243 -14.23 21.18 -13.23
N ALA A 244 -13.41 22.16 -13.59
CA ALA A 244 -13.88 23.30 -14.36
C ALA A 244 -14.38 22.87 -15.74
N ILE A 245 -13.64 21.99 -16.40
CA ILE A 245 -14.07 21.45 -17.70
C ILE A 245 -15.37 20.67 -17.55
N PHE A 246 -15.42 19.79 -16.55
CA PHE A 246 -16.61 18.96 -16.32
C PHE A 246 -17.85 19.82 -16.12
N GLN A 247 -17.72 20.90 -15.32
CA GLN A 247 -18.85 21.81 -15.11
C GLN A 247 -19.18 22.60 -16.37
N GLN A 248 -18.17 23.21 -17.00
CA GLN A 248 -18.41 24.06 -18.16
C GLN A 248 -19.06 23.28 -19.30
N LYS A 249 -18.68 22.02 -19.47
CA LYS A 249 -19.21 21.25 -20.59
C LYS A 249 -20.55 20.59 -20.28
N GLY A 250 -21.04 20.66 -19.05
CA GLY A 250 -22.35 20.15 -18.72
C GLY A 250 -22.41 18.66 -18.43
N CYS A 251 -21.27 18.00 -18.24
CA CYS A 251 -21.24 16.55 -18.08
C CYS A 251 -22.04 16.08 -16.87
N GLY A 252 -22.10 16.89 -15.81
CA GLY A 252 -22.81 16.53 -14.61
C GLY A 252 -24.31 16.38 -14.79
N SER A 253 -24.86 16.89 -15.90
N SER A 253 -24.85 16.90 -15.90
CA SER A 253 -26.30 16.77 -16.14
CA SER A 253 -26.28 16.78 -16.16
C SER A 253 -26.75 15.33 -16.35
C SER A 253 -26.71 15.32 -16.23
N CYS A 254 -25.82 14.43 -16.69
CA CYS A 254 -26.13 13.01 -16.83
C CYS A 254 -25.19 12.12 -16.03
N HIS A 255 -24.20 12.68 -15.34
CA HIS A 255 -23.20 11.89 -14.64
C HIS A 255 -23.04 12.46 -13.23
N GLN A 256 -23.78 11.88 -12.28
CA GLN A 256 -23.54 12.12 -10.87
C GLN A 256 -22.42 11.19 -10.40
N ALA A 257 -21.87 11.51 -9.24
CA ALA A 257 -20.69 10.78 -8.77
C ALA A 257 -21.05 9.33 -8.41
N ASN A 258 -22.13 9.13 -7.66
CA ASN A 258 -22.41 7.81 -7.11
C ASN A 258 -23.86 7.37 -7.28
N VAL A 259 -24.60 7.98 -8.20
N VAL A 259 -24.58 7.95 -8.24
CA VAL A 259 -25.95 7.51 -8.55
CA VAL A 259 -25.96 7.57 -8.56
C VAL A 259 -26.10 7.56 -10.07
C VAL A 259 -26.12 7.58 -10.08
N ASP A 260 -26.83 6.58 -10.61
CA ASP A 260 -27.13 6.56 -12.03
C ASP A 260 -28.30 7.50 -12.33
N THR A 261 -28.17 8.24 -13.44
CA THR A 261 -29.28 9.08 -13.90
C THR A 261 -29.51 8.77 -15.37
N VAL A 262 -29.55 9.78 -16.23
CA VAL A 262 -29.58 9.49 -17.67
C VAL A 262 -28.34 8.70 -18.08
N GLY A 263 -27.20 9.05 -17.50
CA GLY A 263 -25.98 8.32 -17.75
C GLY A 263 -25.52 7.59 -16.52
N PRO A 264 -24.54 6.70 -16.69
CA PRO A 264 -24.00 5.97 -15.54
C PRO A 264 -23.29 6.91 -14.58
N SER A 265 -23.23 6.47 -13.32
CA SER A 265 -22.49 7.22 -12.33
C SER A 265 -21.00 7.23 -12.68
N LEU A 266 -20.29 8.22 -12.14
CA LEU A 266 -18.84 8.24 -12.33
C LEU A 266 -18.18 7.06 -11.63
N ALA A 267 -18.79 6.55 -10.56
CA ALA A 267 -18.27 5.33 -9.95
C ALA A 267 -18.34 4.15 -10.92
N LYS A 268 -19.45 4.03 -11.66
N LYS A 268 -19.45 4.03 -11.67
CA LYS A 268 -19.56 2.95 -12.64
CA LYS A 268 -19.56 2.95 -12.63
C LYS A 268 -18.60 3.14 -13.79
C LYS A 268 -18.62 3.14 -13.81
N ILE A 269 -18.41 4.38 -14.25
CA ILE A 269 -17.44 4.62 -15.31
C ILE A 269 -16.03 4.27 -14.84
N ALA A 270 -15.69 4.65 -13.61
CA ALA A 270 -14.37 4.32 -13.08
C ALA A 270 -14.15 2.82 -13.03
N GLN A 271 -15.19 2.05 -12.70
CA GLN A 271 -15.03 0.60 -12.68
C GLN A 271 -14.85 0.07 -14.10
N ALA A 272 -15.54 0.64 -15.08
CA ALA A 272 -15.40 0.20 -16.46
C ALA A 272 -14.00 0.47 -17.00
N TYR A 273 -13.33 1.52 -16.50
CA TYR A 273 -12.02 1.88 -17.01
C TYR A 273 -10.91 1.59 -16.01
N ALA A 274 -11.18 0.75 -15.01
CA ALA A 274 -10.17 0.41 -14.02
C ALA A 274 -8.92 -0.15 -14.69
N GLY A 275 -7.77 0.46 -14.40
CA GLY A 275 -6.52 0.02 -14.98
C GLY A 275 -6.39 0.25 -16.46
N LYS A 276 -7.30 1.02 -17.05
CA LYS A 276 -7.35 1.29 -18.49
C LYS A 276 -7.52 2.77 -18.75
N GLU A 277 -6.78 3.62 -18.03
CA GLU A 277 -6.93 5.06 -18.21
C GLU A 277 -6.55 5.50 -19.62
N ASP A 278 -5.56 4.84 -20.24
CA ASP A 278 -5.23 5.16 -21.62
C ASP A 278 -6.43 4.98 -22.54
N GLN A 279 -7.26 3.98 -22.27
CA GLN A 279 -8.44 3.77 -23.10
C GLN A 279 -9.48 4.84 -22.82
N LEU A 280 -9.60 5.28 -21.56
CA LEU A 280 -10.54 6.37 -21.26
C LEU A 280 -10.17 7.63 -22.02
N ILE A 281 -8.89 7.97 -22.06
CA ILE A 281 -8.48 9.16 -22.79
C ILE A 281 -8.81 9.03 -24.28
N LYS A 282 -8.53 7.85 -24.85
CA LYS A 282 -8.85 7.65 -26.27
C LYS A 282 -10.35 7.69 -26.52
N PHE A 283 -11.15 7.18 -25.58
CA PHE A 283 -12.60 7.31 -25.71
C PHE A 283 -13.03 8.77 -25.72
N LEU A 284 -12.47 9.56 -24.81
CA LEU A 284 -12.83 10.98 -24.74
C LEU A 284 -12.46 11.72 -26.02
N LYS A 285 -11.46 11.23 -26.75
CA LYS A 285 -11.08 11.77 -28.05
C LYS A 285 -11.93 11.26 -29.19
N GLY A 286 -12.90 10.39 -28.93
CA GLY A 286 -13.70 9.86 -30.01
C GLY A 286 -13.08 8.73 -30.79
N GLU A 287 -12.06 8.06 -30.23
CA GLU A 287 -11.25 7.09 -30.94
C GLU A 287 -11.52 5.65 -30.53
N LEU A 288 -12.45 5.41 -29.61
CA LEU A 288 -12.74 4.06 -29.14
C LEU A 288 -14.23 3.90 -28.91
N PRO A 289 -14.76 2.70 -29.10
CA PRO A 289 -16.18 2.48 -28.81
C PRO A 289 -16.46 2.42 -27.31
N GLU A 290 -17.74 2.65 -26.99
CA GLU A 290 -18.24 2.45 -25.63
C GLU A 290 -17.85 1.08 -25.12
N THR A 291 -17.55 0.99 -23.83
CA THR A 291 -17.15 -0.26 -23.21
C THR A 291 -18.29 -1.28 -23.22
N GLY B 1 -26.70 -19.35 6.46
CA GLY B 1 -26.90 -19.25 5.03
C GLY B 1 -26.54 -20.53 4.29
N GLY B 2 -26.91 -20.60 3.02
CA GLY B 2 -26.64 -21.78 2.21
C GLY B 2 -27.83 -22.71 2.10
N GLY B 3 -28.60 -22.82 3.18
CA GLY B 3 -29.76 -23.68 3.21
C GLY B 3 -29.58 -24.84 4.14
N PRO B 4 -30.63 -25.65 4.31
CA PRO B 4 -30.51 -26.79 5.25
C PRO B 4 -29.63 -27.92 4.72
N ALA B 5 -29.75 -28.24 3.42
CA ALA B 5 -29.00 -29.37 2.87
C ALA B 5 -27.50 -29.13 2.95
N LYS B 6 -27.06 -27.92 2.61
CA LYS B 6 -25.63 -27.62 2.64
C LYS B 6 -25.11 -27.52 4.08
N GLU B 7 -25.86 -26.84 4.95
CA GLU B 7 -25.43 -26.69 6.34
C GLU B 7 -25.25 -28.05 7.01
N ALA B 8 -26.12 -29.01 6.66
CA ALA B 8 -26.02 -30.35 7.25
C ALA B 8 -24.78 -31.09 6.77
N ILE B 9 -24.28 -30.77 5.58
CA ILE B 9 -23.05 -31.39 5.10
C ILE B 9 -21.85 -30.88 5.89
N MET B 10 -21.75 -29.57 6.07
CA MET B 10 -20.52 -29.03 6.65
C MET B 10 -20.50 -29.13 8.17
N LYS B 11 -21.66 -29.03 8.83
CA LYS B 11 -21.68 -28.95 10.29
C LYS B 11 -20.92 -30.07 10.99
N PRO B 12 -21.05 -31.35 10.62
CA PRO B 12 -20.28 -32.39 11.33
C PRO B 12 -18.78 -32.25 11.19
N GLN B 13 -18.31 -31.67 10.08
CA GLN B 13 -16.87 -31.57 9.85
C GLN B 13 -16.18 -30.65 10.85
N LEU B 14 -16.93 -29.77 11.52
CA LEU B 14 -16.31 -28.94 12.55
C LEU B 14 -15.79 -29.77 13.71
N THR B 15 -16.28 -31.00 13.87
CA THR B 15 -15.74 -31.90 14.88
C THR B 15 -14.27 -32.21 14.66
N MET B 16 -13.82 -32.18 13.38
N MET B 16 -13.82 -32.17 13.40
CA MET B 16 -12.41 -32.40 13.09
CA MET B 16 -12.42 -32.43 13.09
C MET B 16 -11.51 -31.44 13.86
C MET B 16 -11.49 -31.36 13.64
N LEU B 17 -12.02 -30.24 14.15
CA LEU B 17 -11.22 -29.15 14.68
C LEU B 17 -11.27 -29.04 16.19
N LYS B 18 -12.08 -29.85 16.86
CA LYS B 18 -12.00 -29.89 18.30
C LYS B 18 -10.60 -30.34 18.72
N GLY B 19 -10.04 -29.68 19.70
CA GLY B 19 -8.69 -29.98 20.13
C GLY B 19 -7.63 -29.04 19.61
N LEU B 20 -7.96 -28.19 18.63
CA LEU B 20 -6.99 -27.22 18.16
C LEU B 20 -6.88 -26.05 19.14
N SER B 21 -5.67 -25.54 19.29
CA SER B 21 -5.44 -24.34 20.08
C SER B 21 -5.99 -23.11 19.36
N ASP B 22 -6.11 -22.02 20.13
CA ASP B 22 -6.49 -20.74 19.54
C ASP B 22 -5.49 -20.32 18.47
N ALA B 23 -4.19 -20.59 18.70
CA ALA B 23 -3.18 -20.23 17.70
C ALA B 23 -3.34 -21.05 16.43
N GLU B 24 -3.65 -22.35 16.56
CA GLU B 24 -3.86 -23.18 15.38
C GLU B 24 -5.10 -22.73 14.62
N LEU B 25 -6.17 -22.37 15.34
CA LEU B 25 -7.38 -21.90 14.68
C LEU B 25 -7.14 -20.58 13.95
N LYS B 26 -6.36 -19.68 14.56
CA LYS B 26 -6.00 -18.45 13.86
C LYS B 26 -5.19 -18.73 12.61
N ALA B 27 -4.23 -19.67 12.69
CA ALA B 27 -3.44 -19.99 11.51
C ALA B 27 -4.30 -20.61 10.43
N LEU B 28 -5.22 -21.50 10.83
CA LEU B 28 -6.14 -22.10 9.87
C LEU B 28 -7.03 -21.05 9.23
N ALA B 29 -7.54 -20.10 10.03
CA ALA B 29 -8.39 -19.05 9.47
C ALA B 29 -7.61 -18.20 8.49
N ASP B 30 -6.37 -17.81 8.85
CA ASP B 30 -5.52 -17.06 7.92
C ASP B 30 -5.35 -17.81 6.62
N PHE B 31 -5.09 -19.11 6.72
CA PHE B 31 -4.91 -19.95 5.55
C PHE B 31 -6.15 -19.96 4.67
N ILE B 32 -7.32 -20.15 5.28
CA ILE B 32 -8.56 -20.15 4.50
C ILE B 32 -8.75 -18.80 3.81
N LEU B 33 -8.39 -17.69 4.46
CA LEU B 33 -8.60 -16.37 3.88
C LEU B 33 -7.62 -16.06 2.76
N ARG B 34 -6.44 -16.67 2.76
CA ARG B 34 -5.37 -16.17 1.89
C ARG B 34 -4.84 -17.17 0.88
N ILE B 35 -5.11 -18.46 1.04
CA ILE B 35 -4.38 -19.45 0.25
C ILE B 35 -4.84 -19.43 -1.20
N ALA B 36 -6.13 -19.16 -1.48
CA ALA B 36 -6.58 -19.22 -2.86
C ALA B 36 -5.90 -18.15 -3.70
N LYS B 37 -5.80 -16.93 -3.18
CA LYS B 37 -5.10 -15.87 -3.92
C LYS B 37 -3.62 -16.19 -4.07
N GLN B 38 -3.00 -16.71 -3.00
CA GLN B 38 -1.58 -17.07 -3.08
C GLN B 38 -1.35 -18.14 -4.14
N ALA B 39 -2.22 -19.15 -4.19
CA ALA B 39 -2.07 -20.23 -5.15
C ALA B 39 -2.31 -19.72 -6.57
N GLN B 40 -3.29 -18.83 -6.73
CA GLN B 40 -3.56 -18.28 -8.05
C GLN B 40 -2.39 -17.46 -8.54
N GLU B 41 -1.79 -16.66 -7.65
CA GLU B 41 -0.65 -15.84 -8.06
C GLU B 41 0.56 -16.71 -8.40
N LYS B 42 0.78 -17.79 -7.66
CA LYS B 42 1.88 -18.69 -7.97
C LYS B 42 1.66 -19.36 -9.32
N GLN B 43 0.42 -19.81 -9.59
CA GLN B 43 0.14 -20.44 -10.87
C GLN B 43 0.37 -19.47 -12.02
N GLN B 44 -0.05 -18.22 -11.86
CA GLN B 44 0.14 -17.23 -12.92
C GLN B 44 1.62 -16.93 -13.13
N GLN B 45 2.38 -16.78 -12.04
CA GLN B 45 3.81 -16.49 -12.20
C GLN B 45 4.53 -17.66 -12.84
N ASP B 46 4.17 -18.91 -12.50
CA ASP B 46 4.78 -20.06 -13.14
C ASP B 46 4.47 -20.08 -14.64
N VAL B 47 3.23 -19.79 -15.01
CA VAL B 47 2.88 -19.73 -16.43
C VAL B 47 3.72 -18.67 -17.15
N ALA B 48 3.86 -17.51 -16.52
CA ALA B 48 4.59 -16.42 -17.18
C ALA B 48 6.07 -16.75 -17.32
N LYS B 49 6.68 -17.34 -16.28
CA LYS B 49 8.07 -17.72 -16.35
C LYS B 49 8.29 -18.75 -17.45
N ALA B 50 7.38 -19.71 -17.58
CA ALA B 50 7.50 -20.72 -18.62
C ALA B 50 7.44 -20.10 -20.01
N ILE B 51 6.51 -19.15 -20.23
CA ILE B 51 6.44 -18.46 -21.51
C ILE B 51 7.72 -17.67 -21.77
N PHE B 52 8.16 -16.89 -20.78
CA PHE B 52 9.34 -16.07 -20.95
C PHE B 52 10.55 -16.91 -21.32
N GLN B 53 10.70 -18.06 -20.68
CA GLN B 53 11.83 -18.93 -20.96
C GLN B 53 11.68 -19.61 -22.32
N GLN B 54 10.52 -20.22 -22.57
CA GLN B 54 10.38 -21.03 -23.77
C GLN B 54 10.34 -20.19 -25.05
N LYS B 55 9.92 -18.92 -24.97
CA LYS B 55 9.94 -18.06 -26.14
C LYS B 55 11.29 -17.37 -26.37
N GLY B 56 12.23 -17.52 -25.43
CA GLY B 56 13.59 -17.03 -25.62
C GLY B 56 13.81 -15.58 -25.23
N CYS B 57 12.87 -14.96 -24.53
CA CYS B 57 12.96 -13.54 -24.21
C CYS B 57 14.21 -13.23 -23.39
N GLY B 58 14.67 -14.17 -22.56
CA GLY B 58 15.80 -13.89 -21.70
C GLY B 58 17.10 -13.73 -22.45
N SER B 59 17.16 -14.17 -23.71
N SER B 59 17.15 -14.18 -23.71
CA SER B 59 18.38 -14.02 -24.49
CA SER B 59 18.35 -14.02 -24.51
C SER B 59 18.75 -12.56 -24.71
C SER B 59 18.77 -12.56 -24.58
N CYS B 60 17.80 -11.64 -24.51
CA CYS B 60 18.09 -10.22 -24.63
C CYS B 60 17.58 -9.40 -23.44
N HIS B 61 16.91 -10.04 -22.49
CA HIS B 61 16.32 -9.34 -21.35
C HIS B 61 16.71 -10.05 -20.05
N GLN B 62 17.77 -9.57 -19.40
CA GLN B 62 18.08 -9.98 -18.05
C GLN B 62 17.28 -9.15 -17.05
N ALA B 63 17.17 -9.66 -15.83
CA ALA B 63 16.32 -9.02 -14.82
C ALA B 63 16.84 -7.64 -14.45
N ASN B 64 18.13 -7.54 -14.12
CA ASN B 64 18.65 -6.31 -13.54
C ASN B 64 19.96 -5.87 -14.21
N VAL B 65 20.13 -6.23 -15.49
CA VAL B 65 21.32 -5.89 -16.26
C VAL B 65 20.91 -5.68 -17.71
N ASP B 66 21.44 -4.63 -18.33
CA ASP B 66 21.20 -4.39 -19.75
C ASP B 66 22.09 -5.29 -20.60
N THR B 67 21.52 -5.84 -21.69
CA THR B 67 22.31 -6.57 -22.68
C THR B 67 21.92 -6.09 -24.07
N VAL B 68 21.55 -7.00 -24.98
CA VAL B 68 21.05 -6.55 -26.28
C VAL B 68 19.77 -5.73 -26.10
N GLY B 69 18.93 -6.14 -25.16
CA GLY B 69 17.73 -5.39 -24.84
C GLY B 69 17.80 -4.80 -23.46
N PRO B 70 16.87 -3.88 -23.16
CA PRO B 70 16.81 -3.29 -21.82
C PRO B 70 16.55 -4.34 -20.76
N SER B 71 17.03 -4.08 -19.56
CA SER B 71 16.75 -4.97 -18.45
C SER B 71 15.26 -4.96 -18.16
N LEU B 72 14.79 -6.04 -17.53
CA LEU B 72 13.40 -6.08 -17.09
C LEU B 72 13.12 -4.98 -16.07
N ALA B 73 14.13 -4.57 -15.30
CA ALA B 73 13.94 -3.45 -14.38
C ALA B 73 13.67 -2.16 -15.14
N LYS B 74 14.37 -1.94 -16.25
CA LYS B 74 14.14 -0.74 -17.05
C LYS B 74 12.77 -0.80 -17.74
N ILE B 75 12.39 -1.96 -18.25
CA ILE B 75 11.06 -2.08 -18.85
C ILE B 75 9.98 -1.81 -17.80
N ALA B 76 10.16 -2.37 -16.60
CA ALA B 76 9.19 -2.17 -15.53
C ALA B 76 9.04 -0.70 -15.16
N GLN B 77 10.16 0.04 -15.17
CA GLN B 77 10.08 1.47 -14.86
C GLN B 77 9.32 2.22 -15.95
N ALA B 78 9.58 1.89 -17.22
CA ALA B 78 8.93 2.57 -18.33
C ALA B 78 7.43 2.30 -18.35
N TYR B 79 7.00 1.12 -17.91
CA TYR B 79 5.58 0.76 -17.93
C TYR B 79 4.92 0.86 -16.56
N ALA B 80 5.59 1.47 -15.58
CA ALA B 80 4.99 1.64 -14.27
C ALA B 80 3.64 2.34 -14.38
N GLY B 81 2.61 1.74 -13.79
CA GLY B 81 1.28 2.29 -13.87
C GLY B 81 0.63 2.22 -15.23
N LYS B 82 1.24 1.51 -16.17
CA LYS B 82 0.78 1.44 -17.55
C LYS B 82 0.68 -0.02 -18.00
N GLU B 83 0.17 -0.90 -17.13
CA GLU B 83 0.15 -2.32 -17.47
C GLU B 83 -0.71 -2.59 -18.70
N ASP B 84 -1.87 -1.91 -18.82
N ASP B 84 -1.82 -1.84 -18.86
CA ASP B 84 -2.71 -2.15 -20.00
CA ASP B 84 -2.66 -2.01 -20.04
C ASP B 84 -1.95 -1.86 -21.29
C ASP B 84 -1.87 -1.77 -21.32
N GLN B 85 -1.14 -0.80 -21.30
N GLN B 85 -1.03 -0.74 -21.34
CA GLN B 85 -0.34 -0.50 -22.49
CA GLN B 85 -0.25 -0.44 -22.54
C GLN B 85 0.70 -1.58 -22.74
C GLN B 85 0.86 -1.46 -22.75
N LEU B 86 1.31 -2.11 -21.67
CA LEU B 86 2.26 -3.20 -21.82
C LEU B 86 1.60 -4.41 -22.50
N ILE B 87 0.40 -4.76 -22.06
CA ILE B 87 -0.32 -5.87 -22.68
C ILE B 87 -0.61 -5.57 -24.15
N LYS B 88 -1.06 -4.36 -24.46
CA LYS B 88 -1.30 -4.01 -25.86
C LYS B 88 -0.02 -4.10 -26.68
N PHE B 89 1.12 -3.67 -26.11
CA PHE B 89 2.39 -3.81 -26.81
C PHE B 89 2.72 -5.26 -27.09
N LEU B 90 2.55 -6.12 -26.08
CA LEU B 90 2.87 -7.54 -26.27
C LEU B 90 1.99 -8.17 -27.33
N LYS B 91 0.78 -7.63 -27.53
CA LYS B 91 -0.14 -8.09 -28.56
C LYS B 91 0.17 -7.53 -29.94
N GLY B 92 1.15 -6.65 -30.06
CA GLY B 92 1.47 -6.06 -31.35
C GLY B 92 0.61 -4.89 -31.74
N GLU B 93 0.05 -4.16 -30.76
CA GLU B 93 -0.94 -3.12 -31.03
C GLU B 93 -0.47 -1.72 -30.70
N LEU B 94 0.74 -1.55 -30.17
CA LEU B 94 1.27 -0.25 -29.76
C LEU B 94 2.76 -0.16 -30.12
N PRO B 95 3.21 0.97 -30.65
CA PRO B 95 4.65 1.13 -30.94
C PRO B 95 5.47 1.21 -29.66
N GLU B 96 6.79 1.21 -29.84
CA GLU B 96 7.70 1.24 -28.71
C GLU B 96 7.61 2.57 -27.97
N THR B 97 7.78 2.51 -26.64
CA THR B 97 7.80 3.73 -25.84
C THR B 97 9.00 4.62 -26.14
N GLY B 98 9.95 4.15 -26.95
CA GLY B 98 11.09 4.98 -27.32
C GLY B 98 12.12 4.19 -28.10
N GLY B 99 13.37 4.60 -27.96
CA GLY B 99 14.46 3.97 -28.65
C GLY B 99 14.49 4.31 -30.13
N GLY B 100 15.65 4.08 -30.74
CA GLY B 100 15.82 4.37 -32.14
C GLY B 100 15.10 3.37 -33.02
N PRO B 101 14.94 3.71 -34.30
CA PRO B 101 14.28 2.76 -35.22
C PRO B 101 15.02 1.45 -35.36
N ALA B 102 16.35 1.45 -35.19
CA ALA B 102 17.12 0.21 -35.28
C ALA B 102 16.76 -0.74 -34.15
N LYS B 103 16.75 -0.24 -32.91
CA LYS B 103 16.38 -1.09 -31.78
C LYS B 103 14.92 -1.53 -31.87
N GLU B 104 14.06 -0.67 -32.42
N GLU B 104 14.06 -0.67 -32.42
CA GLU B 104 12.66 -1.06 -32.62
CA GLU B 104 12.66 -1.06 -32.61
C GLU B 104 12.55 -2.26 -33.54
C GLU B 104 12.54 -2.26 -33.54
N ALA B 105 13.37 -2.28 -34.59
CA ALA B 105 13.31 -3.37 -35.56
C ALA B 105 13.88 -4.66 -34.99
N ILE B 106 14.78 -4.57 -34.01
CA ILE B 106 15.25 -5.77 -33.33
C ILE B 106 14.11 -6.44 -32.56
N MET B 107 13.32 -5.64 -31.84
CA MET B 107 12.33 -6.25 -30.96
C MET B 107 11.05 -6.64 -31.70
N LYS B 108 10.67 -5.90 -32.75
CA LYS B 108 9.36 -6.10 -33.37
C LYS B 108 9.08 -7.55 -33.79
N PRO B 109 9.98 -8.27 -34.46
CA PRO B 109 9.64 -9.64 -34.86
C PRO B 109 9.46 -10.58 -33.67
N GLN B 110 10.13 -10.30 -32.55
CA GLN B 110 9.99 -11.16 -31.39
C GLN B 110 8.56 -11.19 -30.86
N LEU B 111 7.74 -10.20 -31.18
CA LEU B 111 6.35 -10.25 -30.76
C LEU B 111 5.58 -11.39 -31.42
N THR B 112 6.02 -11.88 -32.58
N THR B 112 6.08 -11.92 -32.54
CA THR B 112 5.27 -12.99 -33.17
CA THR B 112 5.47 -13.10 -33.13
C THR B 112 5.36 -14.24 -32.32
C THR B 112 5.53 -14.29 -32.17
N MET B 113 6.33 -14.31 -31.41
N MET B 113 6.50 -14.31 -31.26
CA MET B 113 6.43 -15.45 -30.49
CA MET B 113 6.58 -15.37 -30.26
C MET B 113 5.25 -15.51 -29.53
C MET B 113 5.29 -15.49 -29.46
N LEU B 114 4.56 -14.39 -29.32
CA LEU B 114 3.44 -14.33 -28.40
C LEU B 114 2.09 -14.56 -29.07
N LYS B 115 2.07 -14.77 -30.38
CA LYS B 115 0.81 -15.10 -31.04
C LYS B 115 0.30 -16.43 -30.51
N GLY B 116 -1.01 -16.51 -30.28
CA GLY B 116 -1.60 -17.71 -29.73
C GLY B 116 -1.77 -17.73 -28.22
N LEU B 117 -1.16 -16.79 -27.49
CA LEU B 117 -1.40 -16.72 -26.06
C LEU B 117 -2.77 -16.13 -25.78
N SER B 118 -3.40 -16.61 -24.71
CA SER B 118 -4.67 -16.07 -24.25
C SER B 118 -4.46 -14.72 -23.57
N ASP B 119 -5.56 -13.96 -23.43
CA ASP B 119 -5.48 -12.70 -22.70
C ASP B 119 -4.98 -12.93 -21.27
N ALA B 120 -5.38 -14.05 -20.67
CA ALA B 120 -4.93 -14.36 -19.31
C ALA B 120 -3.42 -14.62 -19.28
N GLU B 121 -2.90 -15.32 -20.28
CA GLU B 121 -1.47 -15.58 -20.35
C GLU B 121 -0.70 -14.27 -20.58
N LEU B 122 -1.21 -13.40 -21.45
CA LEU B 122 -0.54 -12.13 -21.69
C LEU B 122 -0.55 -11.25 -20.45
N LYS B 123 -1.65 -11.28 -19.68
CA LYS B 123 -1.69 -10.54 -18.42
C LYS B 123 -0.67 -11.10 -17.43
N ALA B 124 -0.56 -12.42 -17.35
CA ALA B 124 0.43 -13.02 -16.47
C ALA B 124 1.84 -12.63 -16.90
N LEU B 125 2.09 -12.63 -18.22
CA LEU B 125 3.40 -12.26 -18.73
C LEU B 125 3.72 -10.80 -18.45
N ALA B 126 2.73 -9.91 -18.64
CA ALA B 126 2.94 -8.50 -18.30
C ALA B 126 3.22 -8.33 -16.81
N ASP B 127 2.45 -8.99 -15.95
CA ASP B 127 2.70 -8.96 -14.51
C ASP B 127 4.14 -9.36 -14.20
N PHE B 128 4.59 -10.45 -14.82
CA PHE B 128 5.93 -10.97 -14.61
C PHE B 128 6.98 -9.94 -15.02
N ILE B 129 6.81 -9.34 -16.21
CA ILE B 129 7.76 -8.33 -16.67
C ILE B 129 7.80 -7.14 -15.71
N LEU B 130 6.65 -6.76 -15.15
CA LEU B 130 6.61 -5.61 -14.25
C LEU B 130 7.20 -5.92 -12.87
N ARG B 131 7.18 -7.18 -12.42
CA ARG B 131 7.52 -7.48 -11.03
C ARG B 131 8.79 -8.29 -10.82
N ILE B 132 9.27 -9.01 -11.84
CA ILE B 132 10.24 -10.06 -11.55
C ILE B 132 11.61 -9.49 -11.19
N ALA B 133 11.98 -8.33 -11.75
CA ALA B 133 13.31 -7.79 -11.45
C ALA B 133 13.43 -7.44 -9.97
N LYS B 134 12.42 -6.74 -9.44
CA LYS B 134 12.40 -6.41 -8.02
C LYS B 134 12.38 -7.65 -7.15
N GLN B 135 11.56 -8.64 -7.53
CA GLN B 135 11.49 -9.88 -6.77
C GLN B 135 12.83 -10.60 -6.75
N ALA B 136 13.50 -10.67 -7.91
CA ALA B 136 14.80 -11.34 -7.99
C ALA B 136 15.84 -10.60 -7.17
N GLN B 137 15.81 -9.27 -7.23
CA GLN B 137 16.77 -8.48 -6.47
C GLN B 137 16.57 -8.68 -4.98
N GLU B 138 15.30 -8.71 -4.53
N GLU B 138 15.31 -8.73 -4.53
CA GLU B 138 15.02 -8.91 -3.11
CA GLU B 138 15.04 -8.90 -3.10
C GLU B 138 15.49 -10.29 -2.64
C GLU B 138 15.45 -10.29 -2.62
N LYS B 139 15.25 -11.31 -3.45
CA LYS B 139 15.71 -12.65 -3.09
C LYS B 139 17.23 -12.71 -3.00
N GLN B 140 17.92 -12.07 -3.95
CA GLN B 140 19.39 -12.05 -3.90
C GLN B 140 19.90 -11.36 -2.64
N GLN B 141 19.30 -10.22 -2.29
CA GLN B 141 19.70 -9.50 -1.09
C GLN B 141 19.42 -10.32 0.18
N GLN B 142 18.26 -10.97 0.24
CA GLN B 142 17.95 -11.79 1.41
C GLN B 142 18.90 -12.97 1.53
N ASP B 143 19.24 -13.62 0.42
CA ASP B 143 20.19 -14.73 0.47
C ASP B 143 21.56 -14.27 0.97
N VAL B 144 22.01 -13.10 0.51
CA VAL B 144 23.28 -12.55 0.99
C VAL B 144 23.22 -12.31 2.49
N ALA B 145 22.12 -11.71 2.96
CA ALA B 145 22.00 -11.34 4.35
C ALA B 145 21.93 -12.57 5.25
N LYS B 146 21.17 -13.59 4.82
CA LYS B 146 21.09 -14.83 5.57
C LYS B 146 22.47 -15.48 5.67
N ALA B 147 23.24 -15.48 4.58
CA ALA B 147 24.56 -16.09 4.60
C ALA B 147 25.49 -15.36 5.56
N ILE B 148 25.44 -14.02 5.57
CA ILE B 148 26.23 -13.24 6.52
C ILE B 148 25.81 -13.55 7.95
N PHE B 149 24.50 -13.54 8.21
CA PHE B 149 24.00 -13.77 9.55
C PHE B 149 24.47 -15.13 10.07
N GLN B 150 24.46 -16.15 9.22
N GLN B 150 24.44 -16.15 9.22
CA GLN B 150 24.84 -17.49 9.63
CA GLN B 150 24.93 -17.48 9.60
C GLN B 150 26.35 -17.64 9.75
C GLN B 150 26.43 -17.47 9.83
N GLN B 151 27.11 -17.06 8.82
N GLN B 151 27.20 -17.08 8.80
CA GLN B 151 28.55 -17.25 8.83
CA GLN B 151 28.64 -17.26 8.85
C GLN B 151 29.25 -16.43 9.91
C GLN B 151 29.29 -16.42 9.94
N LYS B 152 28.69 -15.28 10.29
CA LYS B 152 29.26 -14.45 11.35
C LYS B 152 28.82 -14.87 12.75
N GLY B 153 27.95 -15.87 12.87
CA GLY B 153 27.58 -16.45 14.15
C GLY B 153 26.46 -15.74 14.90
N CYS B 154 25.75 -14.81 14.26
CA CYS B 154 24.76 -14.01 14.98
C CYS B 154 23.65 -14.88 15.56
N GLY B 155 23.32 -15.98 14.90
CA GLY B 155 22.24 -16.83 15.37
C GLY B 155 22.54 -17.54 16.68
N SER B 156 23.81 -17.52 17.11
CA SER B 156 24.15 -18.13 18.39
C SER B 156 23.40 -17.47 19.54
N CYS B 157 23.09 -16.19 19.42
CA CYS B 157 22.41 -15.45 20.47
C CYS B 157 21.13 -14.79 19.99
N HIS B 158 20.80 -14.87 18.71
CA HIS B 158 19.62 -14.20 18.17
C HIS B 158 18.80 -15.22 17.37
N GLN B 159 17.72 -15.73 17.97
CA GLN B 159 16.72 -16.50 17.26
C GLN B 159 15.65 -15.56 16.72
N ALA B 160 14.85 -16.06 15.78
CA ALA B 160 13.88 -15.20 15.11
C ALA B 160 12.80 -14.73 16.07
N ASN B 161 12.20 -15.64 16.82
CA ASN B 161 10.99 -15.31 17.58
C ASN B 161 11.04 -15.83 19.00
N VAL B 162 12.24 -15.94 19.58
CA VAL B 162 12.38 -16.32 20.98
C VAL B 162 13.68 -15.71 21.49
N ASP B 163 13.65 -15.25 22.74
CA ASP B 163 14.83 -14.68 23.37
C ASP B 163 15.77 -15.78 23.85
N THR B 164 17.08 -15.52 23.71
CA THR B 164 18.10 -16.40 24.26
C THR B 164 19.12 -15.52 25.00
N VAL B 165 20.41 -15.68 24.71
CA VAL B 165 21.39 -14.76 25.29
C VAL B 165 21.09 -13.33 24.84
N GLY B 166 20.70 -13.15 23.58
CA GLY B 166 20.32 -11.85 23.09
C GLY B 166 18.84 -11.81 22.76
N PRO B 167 18.33 -10.61 22.49
CA PRO B 167 16.92 -10.48 22.15
C PRO B 167 16.60 -11.17 20.83
N SER B 168 15.34 -11.58 20.69
CA SER B 168 14.90 -12.15 19.43
C SER B 168 14.98 -11.09 18.33
N LEU B 169 15.02 -11.57 17.09
CA LEU B 169 15.00 -10.64 15.97
C LEU B 169 13.67 -9.90 15.90
N ALA B 170 12.60 -10.51 16.39
CA ALA B 170 11.32 -9.81 16.47
C ALA B 170 11.41 -8.60 17.39
N LYS B 171 12.09 -8.74 18.52
CA LYS B 171 12.21 -7.61 19.45
C LYS B 171 13.17 -6.55 18.93
N ILE B 172 14.23 -6.97 18.23
CA ILE B 172 15.10 -5.98 17.60
C ILE B 172 14.33 -5.23 16.53
N ALA B 173 13.53 -5.96 15.73
CA ALA B 173 12.77 -5.32 14.67
C ALA B 173 11.76 -4.33 15.23
N GLN B 174 11.20 -4.62 16.41
CA GLN B 174 10.30 -3.68 17.05
C GLN B 174 11.04 -2.44 17.51
N ALA B 175 12.26 -2.62 18.04
CA ALA B 175 13.02 -1.49 18.56
C ALA B 175 13.50 -0.55 17.46
N TYR B 176 13.73 -1.07 16.26
CA TYR B 176 14.23 -0.27 15.15
C TYR B 176 13.18 0.02 14.10
N ALA B 177 11.90 -0.23 14.39
CA ALA B 177 10.84 0.02 13.42
C ALA B 177 10.90 1.46 12.94
N GLY B 178 10.92 1.65 11.62
CA GLY B 178 11.00 2.98 11.05
C GLY B 178 12.33 3.68 11.27
N LYS B 179 13.32 2.99 11.80
CA LYS B 179 14.63 3.56 12.12
C LYS B 179 15.75 2.70 11.55
N GLU B 180 15.57 2.25 10.30
CA GLU B 180 16.58 1.40 9.68
C GLU B 180 17.91 2.13 9.54
N ASP B 181 17.89 3.44 9.32
N ASP B 181 17.88 3.44 9.32
CA ASP B 181 19.14 4.19 9.23
CA ASP B 181 19.11 4.22 9.24
C ASP B 181 19.94 4.09 10.52
C ASP B 181 19.92 4.08 10.52
N GLN B 182 19.25 4.10 11.68
CA GLN B 182 19.95 3.94 12.95
C GLN B 182 20.44 2.51 13.13
N LEU B 183 19.71 1.52 12.61
CA LEU B 183 20.17 0.14 12.70
C LEU B 183 21.46 -0.04 11.91
N ILE B 184 21.54 0.54 10.71
CA ILE B 184 22.75 0.45 9.91
C ILE B 184 23.90 1.14 10.61
N LYS B 185 23.65 2.33 11.19
CA LYS B 185 24.69 3.02 11.97
C LYS B 185 25.15 2.17 13.14
N PHE B 186 24.23 1.48 13.81
CA PHE B 186 24.62 0.61 14.92
C PHE B 186 25.51 -0.54 14.43
N LEU B 187 25.10 -1.20 13.34
CA LEU B 187 25.87 -2.33 12.83
C LEU B 187 27.28 -1.93 12.43
N LYS B 188 27.47 -0.67 12.05
CA LYS B 188 28.77 -0.14 11.70
C LYS B 188 29.61 0.21 12.92
N GLY B 189 29.06 0.08 14.12
CA GLY B 189 29.78 0.43 15.33
C GLY B 189 29.76 1.91 15.66
N GLU B 190 28.80 2.66 15.12
CA GLU B 190 28.82 4.12 15.21
C GLU B 190 27.82 4.69 16.21
N LEU B 191 26.98 3.86 16.82
CA LEU B 191 26.03 4.31 17.83
C LEU B 191 26.11 3.39 19.03
N PRO B 192 26.61 3.84 20.18
CA PRO B 192 26.60 3.00 21.38
C PRO B 192 25.18 2.49 21.66
N GLU B 193 25.10 1.24 22.10
CA GLU B 193 23.81 0.55 22.21
C GLU B 193 22.86 1.34 23.12
N THR B 194 21.57 1.31 22.74
CA THR B 194 20.56 2.12 23.42
C THR B 194 20.59 1.95 24.92
N GLY B 195 20.49 0.70 25.40
CA GLY B 195 20.55 0.46 26.82
C GLY B 195 19.83 -0.80 27.28
N GLY B 196 20.60 -1.83 27.59
CA GLY B 196 20.06 -3.00 28.26
C GLY B 196 20.85 -3.28 29.52
N GLY B 197 21.49 -2.24 30.06
CA GLY B 197 22.43 -2.40 31.13
C GLY B 197 23.82 -2.63 30.60
N PRO B 198 24.84 -2.09 31.28
CA PRO B 198 26.21 -2.20 30.77
C PRO B 198 26.68 -3.64 30.54
N ALA B 199 26.17 -4.61 31.31
CA ALA B 199 26.58 -5.99 31.10
C ALA B 199 26.12 -6.51 29.74
N LYS B 200 24.84 -6.34 29.43
CA LYS B 200 24.32 -6.78 28.14
C LYS B 200 25.01 -6.06 27.00
N GLU B 201 25.25 -4.75 27.14
CA GLU B 201 25.91 -3.99 26.10
C GLU B 201 27.29 -4.54 25.79
N ALA B 202 28.02 -4.97 26.83
CA ALA B 202 29.36 -5.49 26.65
C ALA B 202 29.37 -6.90 26.06
N ILE B 203 28.25 -7.62 26.15
CA ILE B 203 28.14 -8.89 25.44
C ILE B 203 28.09 -8.65 23.93
N MET B 204 27.28 -7.69 23.50
CA MET B 204 27.05 -7.51 22.08
C MET B 204 28.14 -6.67 21.41
N LYS B 205 28.70 -5.68 22.10
CA LYS B 205 29.63 -4.75 21.46
C LYS B 205 30.77 -5.44 20.71
N PRO B 206 31.45 -6.46 21.24
CA PRO B 206 32.53 -7.10 20.45
C PRO B 206 32.05 -7.74 19.17
N GLN B 207 30.81 -8.23 19.15
CA GLN B 207 30.33 -8.93 17.98
C GLN B 207 30.22 -8.01 16.77
N LEU B 208 30.16 -6.70 16.98
CA LEU B 208 30.14 -5.78 15.84
C LEU B 208 31.41 -5.86 15.01
N THR B 209 32.54 -6.31 15.58
N THR B 209 32.52 -6.37 15.58
CA THR B 209 33.74 -6.40 14.75
CA THR B 209 33.73 -6.58 14.81
C THR B 209 33.63 -7.51 13.71
C THR B 209 33.51 -7.59 13.68
N MET B 210 32.65 -8.41 13.83
N MET B 210 32.56 -8.53 13.86
CA MET B 210 32.44 -9.41 12.79
CA MET B 210 32.25 -9.48 12.80
C MET B 210 31.91 -8.82 11.49
C MET B 210 31.93 -8.81 11.49
N LEU B 211 31.39 -7.59 11.54
CA LEU B 211 30.84 -6.93 10.36
C LEU B 211 31.81 -5.99 9.67
N LYS B 212 32.99 -5.78 10.24
CA LYS B 212 34.02 -5.04 9.55
C LYS B 212 34.33 -5.74 8.23
N GLY B 213 34.39 -4.97 7.15
CA GLY B 213 34.66 -5.52 5.84
C GLY B 213 33.43 -5.76 4.99
N LEU B 214 32.23 -5.61 5.55
CA LEU B 214 31.02 -5.64 4.73
C LEU B 214 30.89 -4.34 3.92
N SER B 215 30.34 -4.48 2.72
CA SER B 215 30.03 -3.30 1.92
C SER B 215 28.77 -2.62 2.46
N ASP B 216 28.54 -1.39 2.02
CA ASP B 216 27.30 -0.69 2.39
C ASP B 216 26.08 -1.47 1.92
N ALA B 217 26.15 -2.08 0.74
CA ALA B 217 25.03 -2.86 0.24
C ALA B 217 24.79 -4.08 1.10
N GLU B 218 25.85 -4.75 1.54
CA GLU B 218 25.70 -5.91 2.41
C GLU B 218 25.13 -5.51 3.76
N LEU B 219 25.57 -4.38 4.31
CA LEU B 219 25.01 -3.90 5.58
C LEU B 219 23.53 -3.56 5.44
N LYS B 220 23.13 -2.99 4.31
CA LYS B 220 21.72 -2.69 4.09
C LYS B 220 20.90 -3.98 3.98
N ALA B 221 21.42 -4.98 3.25
CA ALA B 221 20.71 -6.25 3.18
C ALA B 221 20.59 -6.90 4.56
N LEU B 222 21.67 -6.84 5.34
CA LEU B 222 21.64 -7.40 6.69
C LEU B 222 20.62 -6.67 7.56
N ALA B 223 20.60 -5.34 7.49
CA ALA B 223 19.60 -4.57 8.26
C ALA B 223 18.18 -4.91 7.83
N ASP B 224 17.92 -4.99 6.51
CA ASP B 224 16.62 -5.43 6.02
C ASP B 224 16.24 -6.79 6.60
N PHE B 225 17.20 -7.73 6.58
CA PHE B 225 16.95 -9.08 7.09
C PHE B 225 16.58 -9.04 8.57
N ILE B 226 17.34 -8.28 9.37
CA ILE B 226 17.07 -8.17 10.80
C ILE B 226 15.67 -7.61 11.05
N LEU B 227 15.25 -6.65 10.22
CA LEU B 227 13.94 -6.02 10.41
C LEU B 227 12.78 -6.90 9.97
N ARG B 228 12.99 -7.84 9.06
CA ARG B 228 11.86 -8.49 8.41
C ARG B 228 11.81 -10.00 8.57
N ILE B 229 12.90 -10.65 8.97
CA ILE B 229 12.95 -12.11 8.89
C ILE B 229 12.07 -12.76 9.95
N ALA B 230 11.94 -12.16 11.15
CA ALA B 230 11.17 -12.81 12.20
C ALA B 230 9.71 -12.96 11.79
N LYS B 231 9.13 -11.90 11.22
CA LYS B 231 7.74 -11.96 10.78
C LYS B 231 7.59 -12.94 9.62
N GLN B 232 8.57 -12.96 8.71
CA GLN B 232 8.53 -13.89 7.59
C GLN B 232 8.60 -15.33 8.07
N ALA B 233 9.51 -15.63 9.01
CA ALA B 233 9.61 -16.98 9.54
C ALA B 233 8.35 -17.37 10.32
N GLN B 234 7.78 -16.42 11.05
CA GLN B 234 6.56 -16.72 11.79
C GLN B 234 5.41 -17.03 10.86
N GLU B 235 5.26 -16.23 9.80
N GLU B 235 5.25 -16.22 9.79
CA GLU B 235 4.16 -16.48 8.85
CA GLU B 235 4.17 -16.47 8.84
C GLU B 235 4.33 -17.81 8.15
C GLU B 235 4.33 -17.81 8.15
N LYS B 236 5.57 -18.18 7.81
CA LYS B 236 5.81 -19.49 7.20
C LYS B 236 5.45 -20.62 8.15
N GLN B 237 5.87 -20.51 9.41
CA GLN B 237 5.53 -21.52 10.40
C GLN B 237 4.03 -21.68 10.55
N GLN B 238 3.32 -20.56 10.63
CA GLN B 238 1.87 -20.62 10.80
C GLN B 238 1.19 -21.20 9.56
N GLN B 239 1.66 -20.83 8.36
CA GLN B 239 1.08 -21.40 7.14
C GLN B 239 1.34 -22.91 7.06
N ASP B 240 2.54 -23.35 7.45
CA ASP B 240 2.83 -24.79 7.45
C ASP B 240 1.92 -25.54 8.42
N VAL B 241 1.68 -24.97 9.60
CA VAL B 241 0.77 -25.61 10.56
C VAL B 241 -0.63 -25.71 9.96
N ALA B 242 -1.09 -24.62 9.35
CA ALA B 242 -2.45 -24.59 8.83
C ALA B 242 -2.62 -25.55 7.66
N LYS B 243 -1.64 -25.61 6.76
CA LYS B 243 -1.73 -26.52 5.63
C LYS B 243 -1.81 -27.96 6.10
N ALA B 244 -1.00 -28.30 7.13
CA ALA B 244 -1.01 -29.65 7.66
C ALA B 244 -2.35 -30.02 8.27
N ILE B 245 -2.97 -29.08 9.01
CA ILE B 245 -4.30 -29.31 9.57
C ILE B 245 -5.32 -29.51 8.45
N PHE B 246 -5.31 -28.61 7.48
CA PHE B 246 -6.27 -28.69 6.38
C PHE B 246 -6.16 -30.02 5.65
N GLN B 247 -4.93 -30.51 5.45
CA GLN B 247 -4.74 -31.79 4.76
C GLN B 247 -5.13 -32.96 5.65
N GLN B 248 -4.66 -32.96 6.90
N GLN B 248 -4.64 -32.98 6.89
CA GLN B 248 -4.84 -34.11 7.77
CA GLN B 248 -4.88 -34.15 7.73
C GLN B 248 -6.27 -34.26 8.28
C GLN B 248 -6.34 -34.31 8.08
N LYS B 249 -7.06 -33.19 8.27
CA LYS B 249 -8.47 -33.29 8.66
C LYS B 249 -9.39 -33.54 7.47
N GLY B 250 -8.86 -33.53 6.25
CA GLY B 250 -9.61 -33.89 5.06
C GLY B 250 -10.43 -32.80 4.43
N CYS B 251 -10.19 -31.54 4.81
CA CYS B 251 -11.03 -30.44 4.32
C CYS B 251 -10.97 -30.31 2.80
N GLY B 252 -9.84 -30.63 2.19
CA GLY B 252 -9.70 -30.49 0.74
C GLY B 252 -10.59 -31.41 -0.06
N SER B 253 -11.19 -32.42 0.56
N SER B 253 -11.18 -32.42 0.57
CA SER B 253 -12.09 -33.31 -0.17
CA SER B 253 -12.09 -33.31 -0.16
C SER B 253 -13.33 -32.58 -0.68
C SER B 253 -13.25 -32.52 -0.75
N CYS B 254 -13.66 -31.44 -0.09
CA CYS B 254 -14.79 -30.64 -0.54
C CYS B 254 -14.43 -29.19 -0.80
N HIS B 255 -13.21 -28.75 -0.48
CA HIS B 255 -12.82 -27.35 -0.63
C HIS B 255 -11.54 -27.26 -1.43
N GLN B 256 -11.67 -26.99 -2.73
CA GLN B 256 -10.53 -26.65 -3.56
C GLN B 256 -10.28 -25.16 -3.49
N ALA B 257 -9.06 -24.76 -3.88
CA ALA B 257 -8.67 -23.37 -3.68
C ALA B 257 -9.47 -22.43 -4.56
N ASN B 258 -9.55 -22.73 -5.86
CA ASN B 258 -10.12 -21.78 -6.81
C ASN B 258 -11.16 -22.41 -7.73
N VAL B 259 -11.81 -23.48 -7.27
CA VAL B 259 -12.92 -24.09 -8.01
C VAL B 259 -13.89 -24.71 -7.01
N ASP B 260 -15.18 -24.61 -7.31
CA ASP B 260 -16.22 -25.20 -6.46
C ASP B 260 -16.32 -26.70 -6.71
N THR B 261 -16.50 -27.45 -5.62
CA THR B 261 -16.80 -28.88 -5.71
C THR B 261 -18.02 -29.21 -4.85
N VAL B 262 -17.92 -30.21 -3.97
CA VAL B 262 -19.01 -30.45 -3.02
C VAL B 262 -19.25 -29.21 -2.16
N GLY B 263 -18.17 -28.57 -1.71
CA GLY B 263 -18.29 -27.34 -0.98
C GLY B 263 -17.76 -26.16 -1.76
N PRO B 264 -17.95 -24.96 -1.24
CA PRO B 264 -17.46 -23.77 -1.94
C PRO B 264 -15.94 -23.72 -1.98
N SER B 265 -15.42 -23.05 -3.00
CA SER B 265 -13.98 -22.87 -3.07
C SER B 265 -13.50 -22.03 -1.90
N LEU B 266 -12.22 -22.18 -1.59
CA LEU B 266 -11.63 -21.30 -0.59
C LEU B 266 -11.67 -19.85 -1.03
N ALA B 267 -11.68 -19.61 -2.34
CA ALA B 267 -11.83 -18.23 -2.83
C ALA B 267 -13.19 -17.67 -2.43
N LYS B 268 -14.27 -18.45 -2.58
CA LYS B 268 -15.59 -17.99 -2.17
C LYS B 268 -15.65 -17.75 -0.66
N ILE B 269 -15.12 -18.69 0.13
CA ILE B 269 -15.12 -18.53 1.58
C ILE B 269 -14.38 -17.28 1.97
N ALA B 270 -13.21 -17.04 1.34
CA ALA B 270 -12.45 -15.84 1.65
C ALA B 270 -13.24 -14.58 1.36
N GLN B 271 -13.98 -14.56 0.25
CA GLN B 271 -14.80 -13.40 -0.06
C GLN B 271 -15.95 -13.25 0.93
N ALA B 272 -16.54 -14.36 1.38
CA ALA B 272 -17.62 -14.28 2.35
C ALA B 272 -17.14 -13.73 3.69
N TYR B 273 -15.91 -14.04 4.09
CA TYR B 273 -15.38 -13.66 5.40
C TYR B 273 -14.43 -12.47 5.33
N ALA B 274 -14.42 -11.74 4.21
CA ALA B 274 -13.54 -10.58 4.08
C ALA B 274 -13.80 -9.60 5.22
N GLY B 275 -12.73 -9.25 5.93
CA GLY B 275 -12.83 -8.34 7.06
C GLY B 275 -13.50 -8.91 8.29
N LYS B 276 -13.91 -10.18 8.26
CA LYS B 276 -14.63 -10.82 9.35
C LYS B 276 -13.86 -12.04 9.85
N GLU B 277 -12.54 -11.94 9.92
CA GLU B 277 -11.75 -13.10 10.34
C GLU B 277 -12.17 -13.58 11.73
N ASP B 278 -12.50 -12.66 12.63
CA ASP B 278 -12.97 -13.06 13.95
C ASP B 278 -14.21 -13.95 13.86
N GLN B 279 -15.12 -13.66 12.93
CA GLN B 279 -16.28 -14.53 12.78
C GLN B 279 -15.89 -15.88 12.18
N LEU B 280 -14.87 -15.90 11.32
CA LEU B 280 -14.43 -17.17 10.76
C LEU B 280 -13.84 -18.07 11.84
N ILE B 281 -13.06 -17.50 12.75
CA ILE B 281 -12.48 -18.30 13.82
C ILE B 281 -13.58 -18.85 14.73
N LYS B 282 -14.55 -18.01 15.07
CA LYS B 282 -15.65 -18.50 15.90
C LYS B 282 -16.43 -19.59 15.18
N PHE B 283 -16.60 -19.46 13.85
CA PHE B 283 -17.25 -20.54 13.11
C PHE B 283 -16.46 -21.84 13.22
N LEU B 284 -15.14 -21.76 13.03
CA LEU B 284 -14.30 -22.96 13.04
C LEU B 284 -14.31 -23.66 14.39
N LYS B 285 -14.38 -22.89 15.48
CA LYS B 285 -14.42 -23.57 16.77
C LYS B 285 -15.82 -24.03 17.14
N GLY B 286 -16.78 -23.93 16.21
CA GLY B 286 -18.12 -24.35 16.55
C GLY B 286 -18.79 -23.51 17.59
N GLU B 287 -18.24 -22.32 17.87
CA GLU B 287 -18.81 -21.39 18.83
C GLU B 287 -19.77 -20.40 18.18
N LEU B 288 -20.14 -20.63 16.92
CA LEU B 288 -20.91 -19.67 16.15
C LEU B 288 -21.67 -20.42 15.07
N PRO B 289 -22.96 -20.68 15.27
CA PRO B 289 -23.74 -21.41 14.27
C PRO B 289 -23.64 -20.78 12.89
N GLU B 290 -23.71 -21.63 11.86
CA GLU B 290 -23.39 -21.22 10.51
C GLU B 290 -24.44 -20.29 9.92
N THR B 291 -23.98 -19.37 9.08
CA THR B 291 -24.82 -18.53 8.23
C THR B 291 -25.95 -19.33 7.56
FE HEC C . -15.47 6.44 24.75
CHA HEC C . -13.22 3.90 25.20
CHB HEC C . -15.95 5.41 21.51
CHC HEC C . -18.00 8.75 24.38
CHD HEC C . -14.76 7.72 27.84
NA HEC C . -14.76 4.93 23.60
C1A HEC C . -13.79 4.01 23.96
C2A HEC C . -13.47 3.18 22.82
C3A HEC C . -14.24 3.59 21.79
C4A HEC C . -15.06 4.70 22.26
CMA HEC C . -14.30 3.03 20.36
CAA HEC C . -12.41 2.05 22.87
CBA HEC C . -13.10 0.72 23.10
CGA HEC C . -12.08 -0.39 23.30
O1A HEC C . -10.87 -0.11 23.46
O2A HEC C . -12.48 -1.58 23.28
NB HEC C . -16.72 6.99 23.24
C1B HEC C . -16.76 6.42 21.97
C2B HEC C . -17.81 7.08 21.23
C3B HEC C . -18.36 8.00 22.02
C4B HEC C . -17.70 7.94 23.31
CMB HEC C . -18.14 6.74 19.76
CAB HEC C . -19.53 8.96 21.74
CBB HEC C . -20.83 8.13 21.56
NC HEC C . -16.24 7.94 25.89
C1C HEC C . -17.25 8.81 25.53
C2C HEC C . -17.36 9.82 26.55
C3C HEC C . -16.47 9.54 27.51
C4C HEC C . -15.76 8.33 27.12
CMC HEC C . -18.37 10.98 26.48
CAC HEC C . -16.16 10.31 28.82
CBC HEC C . -17.36 10.49 29.77
ND HEC C . -14.20 5.92 26.25
C1D HEC C . -14.10 6.57 27.48
C2D HEC C . -13.20 5.84 28.33
C3D HEC C . -12.72 4.67 27.50
C4D HEC C . -13.38 4.78 26.23
CMD HEC C . -12.79 6.16 29.77
CAD HEC C . -11.77 3.54 27.93
CBD HEC C . -12.75 2.48 28.38
CGD HEC C . -12.09 1.24 28.91
O1D HEC C . -12.85 0.36 29.41
O2D HEC C . -10.85 1.13 28.85
FE HEC D . 17.19 26.36 -1.21
CHA HEC D . 18.77 23.87 -2.94
CHB HEC D . 15.80 24.01 0.91
CHC HEC D . 15.88 28.86 0.72
CHD HEC D . 18.28 28.71 -3.48
NA HEC D . 17.29 24.35 -1.03
C1A HEC D . 17.96 23.51 -1.88
C2A HEC D . 17.69 22.15 -1.48
C3A HEC D . 16.87 22.18 -0.41
C4A HEC D . 16.61 23.56 -0.11
CMA HEC D . 16.30 20.99 0.38
CAA HEC D . 18.27 20.91 -2.21
CBA HEC D . 19.50 20.42 -1.48
CGA HEC D . 20.16 19.32 -2.27
O1A HEC D . 21.06 18.65 -1.70
O2A HEC D . 19.81 19.08 -3.44
NB HEC D . 16.04 26.42 0.47
C1B HEC D . 15.59 25.34 1.21
C2B HEC D . 14.87 25.83 2.37
C3B HEC D . 14.90 27.17 2.30
C4B HEC D . 15.65 27.56 1.12
CMB HEC D . 14.19 24.93 3.42
CAB HEC D . 14.30 28.20 3.28
CBB HEC D . 15.02 28.09 4.64
NC HEC D . 17.12 28.39 -1.34
C1C HEC D . 16.45 29.24 -0.48
C2C HEC D . 16.45 30.57 -1.04
C3C HEC D . 17.12 30.52 -2.20
C4C HEC D . 17.55 29.16 -2.40
CMC HEC D . 15.77 31.79 -0.38
CAC HEC D . 17.39 31.64 -3.23
CBC HEC D . 18.13 32.86 -2.66
ND HEC D . 18.31 26.30 -2.92
C1D HEC D . 18.67 27.41 -3.69
C2D HEC D . 19.56 26.98 -4.73
C3D HEC D . 19.71 25.48 -4.56
C4D HEC D . 18.90 25.14 -3.41
CMD HEC D . 20.24 27.85 -5.81
CAD HEC D . 20.58 24.55 -5.41
CBD HEC D . 21.86 24.46 -4.59
CGD HEC D . 22.94 23.63 -5.22
O1D HEC D . 22.69 22.95 -6.28
O2D HEC D . 24.07 23.64 -4.64
FE HEC E . -21.52 10.70 -20.80
CHA HEC E . -21.17 7.30 -20.92
CHB HEC E . -18.14 10.99 -20.19
CHC HEC E . -21.79 14.08 -20.99
CHD HEC E . -24.95 10.41 -21.09
NA HEC E . -19.97 9.41 -20.62
C1A HEC E . -20.05 8.04 -20.68
C2A HEC E . -18.76 7.48 -20.39
C3A HEC E . -17.91 8.51 -20.19
C4A HEC E . -18.65 9.72 -20.33
CMA HEC E . -16.40 8.42 -19.86
CAA HEC E . -18.43 5.97 -20.33
CBA HEC E . -18.00 5.47 -21.70
CGA HEC E . -17.77 3.98 -21.71
O1A HEC E . -18.22 3.26 -20.79
O2A HEC E . -17.12 3.50 -22.65
NB HEC E . -20.22 12.24 -20.62
C1B HEC E . -18.86 12.14 -20.37
C2B HEC E . -18.31 13.48 -20.33
C3B HEC E . -19.33 14.33 -20.56
C4B HEC E . -20.54 13.57 -20.74
CMB HEC E . -16.82 13.78 -20.06
CAB HEC E . -19.28 15.86 -20.64
CBB HEC E . -18.43 16.31 -21.85
NC HEC E . -23.06 11.98 -21.03
C1C HEC E . -22.96 13.35 -21.00
C2C HEC E . -24.30 13.90 -21.00
C3C HEC E . -25.18 12.90 -21.03
C4C HEC E . -24.42 11.68 -21.06
CMC HEC E . -24.59 15.42 -20.96
CAC HEC E . -26.73 12.97 -21.01
CBC HEC E . -27.37 13.77 -22.17
ND HEC E . -22.84 9.13 -20.94
C1D HEC E . -24.21 9.25 -21.12
C2D HEC E . -24.78 7.94 -21.33
C3D HEC E . -23.61 6.98 -21.27
C4D HEC E . -22.45 7.80 -21.04
CMD HEC E . -26.26 7.60 -21.57
CAD HEC E . -23.65 5.46 -21.47
CBD HEC E . -23.40 5.32 -22.97
CGD HEC E . -23.37 3.90 -23.44
O1D HEC E . -23.46 2.95 -22.62
O2D HEC E . -23.23 3.73 -24.68
S SO4 F . -9.35 0.94 35.91
O1 SO4 F . -8.91 2.28 36.41
O2 SO4 F . -8.15 0.10 35.63
O3 SO4 F . -10.21 0.26 36.93
O4 SO4 F . -10.13 1.11 34.63
S SO4 G . -29.81 0.45 -24.98
O1 SO4 G . -30.92 0.99 -24.13
O2 SO4 G . -28.62 1.35 -24.89
O3 SO4 G . -29.44 -0.92 -24.49
O4 SO4 G . -30.26 0.36 -26.41
C ACY H . -12.62 9.03 7.94
O ACY H . -12.69 7.88 7.48
OXT ACY H . -11.60 9.74 8.13
CH3 ACY H . -13.94 9.67 8.33
C ACY I . -8.30 1.93 23.99
O ACY I . -8.87 1.47 22.97
OXT ACY I . -7.13 2.34 24.06
CH3 ACY I . -9.14 1.96 25.29
C ACY J . 3.41 17.64 4.00
O ACY J . 3.38 18.64 4.74
OXT ACY J . 3.78 16.50 4.32
CH3 ACY J . 2.92 17.83 2.54
C ACY K . -20.34 2.76 -18.27
O ACY K . -19.11 2.97 -18.27
OXT ACY K . -21.13 3.02 -19.20
CH3 ACY K . -20.93 2.11 -17.01
C ACY L . 18.44 19.73 -6.53
O ACY L . 18.22 19.40 -7.71
OXT ACY L . 19.27 20.56 -6.12
CH3 ACY L . 17.58 19.04 -5.46
S SO4 M . 27.25 26.25 -10.76
O1 SO4 M . 26.65 27.36 -11.58
O2 SO4 M . 28.62 26.63 -10.30
O3 SO4 M . 26.38 25.97 -9.57
O4 SO4 M . 27.33 25.01 -11.60
FE HEC N . 12.39 -7.48 -26.20
CHA HEC N . 12.17 -4.09 -25.89
CHB HEC N . 9.60 -7.85 -24.28
CHC HEC N . 12.44 -10.85 -26.81
CHD HEC N . 15.43 -7.18 -27.85
NA HEC N . 11.12 -6.22 -25.30
C1A HEC N . 11.22 -4.85 -25.26
C2A HEC N . 10.16 -4.32 -24.43
C3A HEC N . 9.44 -5.36 -23.98
C4A HEC N . 10.04 -6.57 -24.51
CMA HEC N . 8.20 -5.34 -23.06
CAA HEC N . 9.91 -2.83 -24.14
CBA HEC N . 8.98 -2.25 -25.19
CGA HEC N . 8.73 -0.77 -24.96
O1A HEC N . 9.44 -0.13 -24.15
O2A HEC N . 7.79 -0.23 -25.60
NB HEC N . 11.25 -9.05 -25.63
C1B HEC N . 10.11 -8.98 -24.86
C2B HEC N . 9.55 -10.30 -24.76
C3B HEC N . 10.34 -11.13 -25.47
C4B HEC N . 11.42 -10.36 -26.03
CMB HEC N . 8.27 -10.62 -23.96
CAB HEC N . 10.19 -12.65 -25.70
CBB HEC N . 8.91 -12.92 -26.51
NC HEC N . 13.66 -8.74 -27.16
C1C HEC N . 13.52 -10.12 -27.24
C2C HEC N . 14.72 -10.67 -27.84
C3C HEC N . 15.55 -9.65 -28.14
C4C HEC N . 14.90 -8.43 -27.72
CMC HEC N . 14.92 -12.17 -28.05
CAC HEC N . 16.97 -9.68 -28.74
CBC HEC N . 17.07 -10.42 -30.09
ND HEC N . 13.59 -5.91 -26.76
C1D HEC N . 14.80 -6.02 -27.46
C2D HEC N . 15.31 -4.70 -27.74
C3D HEC N . 14.30 -3.73 -27.14
C4D HEC N . 13.27 -4.56 -26.55
CMD HEC N . 16.61 -4.35 -28.50
CAD HEC N . 14.35 -2.21 -27.15
CBD HEC N . 13.57 -1.80 -28.39
CGD HEC N . 13.46 -0.30 -28.51
O1D HEC N . 12.72 0.17 -29.40
O2D HEC N . 14.10 0.43 -27.70
FE HEC O . 23.65 -9.21 19.09
CHA HEC O . 21.79 -6.83 20.71
CHB HEC O . 22.79 -7.78 16.06
CHC HEC O . 25.82 -11.31 17.46
CHD HEC O . 24.21 -10.91 22.00
NA HEC O . 22.53 -7.61 18.50
C1A HEC O . 21.82 -6.77 19.33
C2A HEC O . 21.13 -5.80 18.52
C3A HEC O . 21.40 -6.06 17.23
C4A HEC O . 22.28 -7.20 17.20
CMA HEC O . 20.90 -5.30 15.99
CAA HEC O . 20.22 -4.67 19.07
CBA HEC O . 21.01 -3.37 19.19
CGA HEC O . 20.19 -2.32 19.89
O1A HEC O . 20.61 -1.14 19.93
O2A HEC O . 19.10 -2.65 20.43
NB HEC O . 24.18 -9.50 17.13
C1B HEC O . 23.72 -8.79 16.04
C2B HEC O . 24.40 -9.28 14.87
C3B HEC O . 25.24 -10.25 15.27
C4B HEC O . 25.11 -10.40 16.68
CMB HEC O . 24.14 -8.74 13.44
CAB HEC O . 26.19 -11.11 14.42
CBB HEC O . 27.30 -10.22 13.79
NC HEC O . 24.81 -10.78 19.62
C1C HEC O . 25.59 -11.56 18.79
C2C HEC O . 26.10 -12.68 19.55
C3C HEC O . 25.67 -12.57 20.80
C4C HEC O . 24.84 -11.38 20.87
CMC HEC O . 27.00 -13.80 18.95
CAC HEC O . 25.91 -13.53 22.00
CBC HEC O . 27.39 -13.64 22.39
ND HEC O . 23.08 -8.92 21.01
C1D HEC O . 23.46 -9.76 22.07
C2D HEC O . 22.92 -9.21 23.29
C3D HEC O . 22.17 -7.95 22.90
C4D HEC O . 22.32 -7.85 21.46
CMD HEC O . 23.07 -9.77 24.72
CAD HEC O . 21.43 -6.99 23.85
CBD HEC O . 22.46 -5.95 24.25
CGD HEC O . 21.86 -4.88 25.12
O1D HEC O . 20.70 -5.03 25.58
O2D HEC O . 22.57 -3.87 25.37
FE HEC P . -16.51 -27.14 4.68
CHA HEC P . -18.68 -24.52 4.20
CHB HEC P . -14.35 -25.04 6.31
CHC HEC P . -14.58 -29.82 5.60
CHD HEC P . -18.44 -29.19 2.73
NA HEC P . -16.54 -25.19 5.19
C1A HEC P . -17.50 -24.26 4.84
C2A HEC P . -17.05 -22.96 5.27
C3A HEC P . -15.86 -23.11 5.85
C4A HEC P . -15.51 -24.51 5.82
CMA HEC P . -14.98 -22.02 6.47
CAA HEC P . -17.82 -21.63 5.07
CBA HEC P . -18.82 -21.42 6.21
CGA HEC P . -19.62 -20.18 5.97
O1A HEC P . -20.21 -19.68 6.96
O2A HEC P . -19.68 -19.67 4.82
NB HEC P . -14.79 -27.38 5.75
C1B HEC P . -14.05 -26.38 6.34
C2B HEC P . -12.92 -26.98 7.01
C3B HEC P . -12.98 -28.31 6.81
C4B HEC P . -14.17 -28.57 6.02
CMB HEC P . -11.87 -26.14 7.77
CAB HEC P . -12.04 -29.42 7.30
CBB HEC P . -12.04 -29.51 8.83
NC HEC P . -16.53 -29.10 4.29
C1C HEC P . -15.60 -30.02 4.72
C2C HEC P . -15.85 -31.28 4.04
C3C HEC P . -16.92 -31.12 3.25
C4C HEC P . -17.36 -29.76 3.40
CMC HEC P . -15.00 -32.54 4.25
CAC HEC P . -17.59 -32.15 2.30
CBC HEC P . -18.20 -33.38 3.03
ND HEC P . -18.26 -26.89 3.61
C1D HEC P . -18.90 -27.92 2.92
C2D HEC P . -20.16 -27.41 2.41
C3D HEC P . -20.24 -25.96 2.87
C4D HEC P . -19.02 -25.72 3.60
CMD HEC P . -21.23 -28.18 1.59
CAD HEC P . -21.39 -24.98 2.58
CBD HEC P . -22.20 -24.87 3.88
CGD HEC P . -23.39 -23.94 3.72
O1D HEC P . -23.67 -23.47 2.59
O2D HEC P . -24.05 -23.67 4.75
C1 GOL Q . 6.92 -23.90 -26.40
O1 GOL Q . 6.30 -22.70 -26.01
C2 GOL Q . 7.51 -23.76 -27.79
O2 GOL Q . 6.73 -24.52 -28.69
C3 GOL Q . 7.59 -22.31 -28.21
O3 GOL Q . 8.95 -21.93 -28.29
C1 PEG R . 16.94 -0.54 21.21
O1 PEG R . 16.49 -0.98 22.47
C2 PEG R . 16.26 0.75 20.82
O2 PEG R . 17.00 1.39 19.81
C3 PEG R . 16.35 2.51 19.28
C4 PEG R . 17.07 2.99 18.06
O4 PEG R . 18.29 3.61 18.42
C ACY S . 5.04 -12.24 -11.40
O ACY S . 5.06 -13.24 -12.17
OXT ACY S . 4.10 -11.43 -11.25
CH3 ACY S . 6.32 -12.00 -10.58
C ACY T . 14.93 -9.76 4.29
O ACY T . 16.04 -10.26 4.08
OXT ACY T . 14.60 -8.58 4.02
CH3 ACY T . 13.85 -10.66 4.93
C ACY U . -1.76 -18.43 4.98
O ACY U . -2.07 -17.37 5.55
OXT ACY U . -1.44 -19.51 5.52
CH3 ACY U . -1.75 -18.42 3.43
C ACY V . 12.34 0.21 -22.51
O ACY V . 11.18 -0.02 -22.12
OXT ACY V . 12.80 0.02 -23.66
CH3 ACY V . 13.32 0.79 -21.46
C ACY W . 16.62 -4.63 21.43
O ACY W . 16.76 -4.05 20.33
OXT ACY W . 17.49 -4.76 22.31
CH3 ACY W . 15.24 -5.24 21.72
#